data_3KF8
#
_entry.id   3KF8
#
_cell.length_a   92.072
_cell.length_b   92.072
_cell.length_c   200.909
_cell.angle_alpha   90.00
_cell.angle_beta   90.00
_cell.angle_gamma   90.00
#
_symmetry.space_group_name_H-M   'P 41 21 2'
#
loop_
_entity.id
_entity.type
_entity.pdbx_description
1 polymer 'Protein stn1'
2 polymer 'Protein ten1'
3 water water
#
loop_
_entity_poly.entity_id
_entity_poly.type
_entity_poly.pdbx_seq_one_letter_code
_entity_poly.pdbx_strand_id
1 'polypeptide(L)'
;PLGSKDNRLLYPKTKIDWGPGENHICLKTPFKNFYVIELFHQAPTFDKTIPLFISDINNSPNLYGIYNYIADHLRHVVLV
NNYPVNQINIFGKIVYEQYKEKEFNGVEESYVILVISDFIGIDSKIRVRLSQEQFKEVGLTLDKKNYGKIVELEGEIYNW
YDSINVSKKPDRELKVSKITVLSHRPDGLHFEFEQWKKRMEFRKNNLVEPWVFIPTPQRE
;
A,C
2 'polypeptide(L)'
;SSKIILIPSNIPQEFPEASISNPERLRILAQVKDFIPHESTIVIDKVPTITSEQSTYINICIFNLLEACSSRVLVPGTLV
NIDAFYDGESINPVDIYEVNGANFTMENIQLIDEMNNSIGKFN
;
B,D
#
# COMPACT_ATOMS: atom_id res chain seq x y z
N LEU A 10 14.60 -52.34 8.03
CA LEU A 10 13.37 -51.60 7.58
C LEU A 10 12.22 -51.78 8.56
N TYR A 11 11.45 -50.71 8.75
CA TYR A 11 10.31 -50.72 9.66
C TYR A 11 8.98 -50.83 8.92
N PRO A 12 7.95 -51.37 9.59
CA PRO A 12 6.61 -51.55 9.01
C PRO A 12 6.06 -50.31 8.30
N LYS A 13 5.50 -50.53 7.11
CA LYS A 13 4.93 -49.46 6.30
C LYS A 13 3.44 -49.72 6.10
N THR A 14 2.60 -48.95 6.79
CA THR A 14 1.16 -49.11 6.69
C THR A 14 0.66 -48.83 5.28
N LYS A 15 -0.41 -49.50 4.89
CA LYS A 15 -0.99 -49.32 3.57
C LYS A 15 -2.52 -49.49 3.60
N ILE A 16 -3.20 -48.63 2.87
CA ILE A 16 -4.66 -48.64 2.79
C ILE A 16 -5.04 -48.31 1.35
N ASP A 17 -5.97 -49.05 0.76
CA ASP A 17 -6.34 -48.74 -0.61
C ASP A 17 -7.51 -47.78 -0.64
N TRP A 18 -7.26 -46.61 -1.21
CA TRP A 18 -8.25 -45.56 -1.29
C TRP A 18 -8.89 -45.61 -2.68
N GLY A 19 -8.81 -46.79 -3.30
CA GLY A 19 -9.40 -46.96 -4.61
C GLY A 19 -8.42 -46.72 -5.75
N PRO A 20 -8.86 -46.87 -7.01
CA PRO A 20 -8.02 -46.67 -8.19
C PRO A 20 -7.70 -45.21 -8.49
N GLY A 21 -6.76 -45.01 -9.41
CA GLY A 21 -6.34 -43.68 -9.83
C GLY A 21 -6.47 -42.49 -8.89
N GLU A 22 -6.76 -41.33 -9.49
CA GLU A 22 -6.90 -40.07 -8.76
C GLU A 22 -8.26 -40.02 -8.08
N ASN A 23 -8.63 -41.11 -7.44
CA ASN A 23 -9.92 -41.18 -6.74
C ASN A 23 -9.86 -40.46 -5.41
N HIS A 24 -8.73 -40.58 -4.73
CA HIS A 24 -8.54 -39.94 -3.43
C HIS A 24 -8.43 -38.42 -3.55
N ILE A 25 -8.16 -37.93 -4.75
CA ILE A 25 -8.05 -36.50 -5.00
C ILE A 25 -9.40 -35.96 -5.45
N CYS A 26 -9.91 -34.97 -4.72
CA CYS A 26 -11.20 -34.39 -5.05
C CYS A 26 -11.11 -33.32 -6.14
N LEU A 27 -10.29 -32.31 -5.91
CA LEU A 27 -10.12 -31.23 -6.88
C LEU A 27 -8.65 -30.94 -7.15
N LYS A 28 -8.27 -30.94 -8.42
CA LYS A 28 -6.89 -30.65 -8.78
C LYS A 28 -6.78 -29.16 -9.02
N THR A 29 -5.73 -28.56 -8.48
CA THR A 29 -5.49 -27.13 -8.63
C THR A 29 -4.09 -26.93 -9.17
N PRO A 30 -3.88 -25.89 -9.97
CA PRO A 30 -2.54 -25.66 -10.51
C PRO A 30 -1.50 -25.44 -9.42
N PHE A 31 -1.94 -25.48 -8.15
CA PHE A 31 -1.03 -25.30 -7.03
C PHE A 31 -1.03 -26.48 -6.07
N LYS A 32 -2.23 -26.95 -5.70
CA LYS A 32 -2.36 -28.08 -4.78
C LYS A 32 -3.59 -28.94 -5.06
N ASN A 33 -3.74 -30.01 -4.28
CA ASN A 33 -4.87 -30.91 -4.45
C ASN A 33 -5.73 -31.00 -3.20
N PHE A 34 -7.05 -30.88 -3.38
CA PHE A 34 -7.95 -31.01 -2.26
C PHE A 34 -8.37 -32.48 -2.25
N TYR A 35 -7.95 -33.19 -1.20
CA TYR A 35 -8.26 -34.61 -1.09
C TYR A 35 -9.63 -34.91 -0.51
N VAL A 36 -10.11 -36.12 -0.75
CA VAL A 36 -11.42 -36.57 -0.26
C VAL A 36 -11.43 -36.67 1.26
N ILE A 37 -12.61 -36.56 1.85
CA ILE A 37 -12.74 -36.63 3.30
C ILE A 37 -12.11 -37.88 3.92
N GLU A 38 -12.18 -39.00 3.20
CA GLU A 38 -11.60 -40.25 3.70
C GLU A 38 -10.15 -40.07 4.08
N LEU A 39 -9.49 -39.13 3.43
CA LEU A 39 -8.09 -38.87 3.69
C LEU A 39 -7.81 -37.84 4.79
N PHE A 40 -8.85 -37.10 5.19
CA PHE A 40 -8.68 -36.05 6.20
C PHE A 40 -7.93 -36.51 7.44
N HIS A 41 -8.26 -37.70 7.94
CA HIS A 41 -7.60 -38.19 9.13
C HIS A 41 -6.10 -38.41 8.93
N GLN A 42 -5.68 -38.42 7.66
CA GLN A 42 -4.26 -38.62 7.33
C GLN A 42 -3.46 -37.31 7.38
N ALA A 43 -4.16 -36.18 7.31
CA ALA A 43 -3.49 -34.88 7.35
C ALA A 43 -2.83 -34.63 8.70
N PRO A 44 -1.58 -34.13 8.70
CA PRO A 44 -0.91 -33.87 9.97
C PRO A 44 -1.65 -32.80 10.76
N THR A 45 -2.66 -32.21 10.14
CA THR A 45 -3.47 -31.15 10.72
C THR A 45 -4.75 -31.60 11.43
N PHE A 46 -5.32 -32.71 10.98
CA PHE A 46 -6.57 -33.21 11.55
C PHE A 46 -6.48 -33.78 12.95
N ASP A 47 -7.55 -33.55 13.73
CA ASP A 47 -7.64 -34.04 15.09
C ASP A 47 -6.56 -33.56 16.03
N LYS A 48 -6.00 -32.38 15.73
CA LYS A 48 -4.97 -31.81 16.57
C LYS A 48 -5.26 -30.31 16.67
N THR A 49 -5.21 -29.78 17.88
CA THR A 49 -5.48 -28.36 18.09
C THR A 49 -4.29 -27.54 17.61
N ILE A 50 -4.43 -26.90 16.46
CA ILE A 50 -3.34 -26.09 15.92
C ILE A 50 -3.60 -24.58 16.04
N PRO A 51 -2.57 -23.81 16.41
CA PRO A 51 -2.67 -22.36 16.57
C PRO A 51 -2.73 -21.64 15.22
N LEU A 52 -3.88 -21.08 14.91
CA LEU A 52 -4.07 -20.37 13.64
C LEU A 52 -4.26 -18.87 13.82
N PHE A 53 -4.23 -18.18 12.68
CA PHE A 53 -4.46 -16.75 12.61
C PHE A 53 -5.92 -16.67 12.23
N ILE A 54 -6.69 -15.82 12.89
CA ILE A 54 -8.10 -15.71 12.56
C ILE A 54 -8.33 -15.45 11.08
N SER A 55 -7.42 -14.68 10.48
CA SER A 55 -7.52 -14.36 9.06
C SER A 55 -7.55 -15.64 8.22
N ASP A 56 -6.60 -16.54 8.48
CA ASP A 56 -6.54 -17.79 7.75
C ASP A 56 -7.84 -18.59 7.86
N ILE A 57 -8.52 -18.47 8.99
CA ILE A 57 -9.77 -19.17 9.16
C ILE A 57 -10.85 -18.50 8.30
N ASN A 58 -10.93 -17.18 8.39
CA ASN A 58 -11.94 -16.46 7.63
C ASN A 58 -11.72 -16.49 6.12
N ASN A 59 -10.47 -16.65 5.69
CA ASN A 59 -10.21 -16.72 4.27
C ASN A 59 -10.38 -18.15 3.77
N SER A 60 -10.90 -19.00 4.65
CA SER A 60 -11.11 -20.39 4.30
C SER A 60 -12.19 -20.45 3.24
N PRO A 61 -12.00 -21.30 2.21
CA PRO A 61 -12.97 -21.43 1.13
C PRO A 61 -14.28 -22.12 1.49
N ASN A 62 -15.36 -21.67 0.85
CA ASN A 62 -16.67 -22.25 1.05
C ASN A 62 -16.52 -23.69 0.54
N LEU A 63 -16.70 -24.65 1.42
CA LEU A 63 -16.49 -26.04 1.03
C LEU A 63 -17.44 -26.65 0.01
N TYR A 64 -18.63 -26.08 -0.16
CA TYR A 64 -19.55 -26.62 -1.14
C TYR A 64 -19.00 -26.45 -2.56
N GLY A 65 -18.07 -25.52 -2.71
CA GLY A 65 -17.46 -25.28 -4.01
C GLY A 65 -16.28 -26.19 -4.28
N ILE A 66 -16.05 -27.13 -3.39
CA ILE A 66 -14.93 -28.05 -3.55
C ILE A 66 -15.34 -29.48 -3.27
N TYR A 67 -16.35 -29.67 -2.43
CA TYR A 67 -16.81 -31.01 -2.09
C TYR A 67 -18.29 -31.25 -2.33
N ASN A 68 -18.95 -30.28 -2.96
CA ASN A 68 -20.38 -30.41 -3.25
C ASN A 68 -21.18 -30.90 -2.06
N TYR A 69 -22.05 -31.87 -2.31
CA TYR A 69 -22.91 -32.45 -1.29
C TYR A 69 -22.15 -32.98 -0.08
N ILE A 70 -20.85 -33.18 -0.22
CA ILE A 70 -20.03 -33.70 0.88
C ILE A 70 -19.96 -32.68 2.04
N ALA A 71 -19.94 -31.40 1.70
CA ALA A 71 -19.86 -30.32 2.67
C ALA A 71 -20.95 -30.38 3.72
N ASP A 72 -22.06 -31.05 3.41
CA ASP A 72 -23.15 -31.17 4.38
C ASP A 72 -22.65 -31.77 5.69
N HIS A 73 -21.51 -32.45 5.61
CA HIS A 73 -20.90 -33.09 6.77
C HIS A 73 -19.58 -32.41 7.16
N LEU A 74 -19.28 -31.28 6.52
CA LEU A 74 -18.04 -30.57 6.80
C LEU A 74 -18.20 -29.17 7.40
N ARG A 75 -19.38 -28.91 7.97
CA ARG A 75 -19.65 -27.63 8.60
C ARG A 75 -18.66 -27.33 9.73
N HIS A 76 -18.16 -28.39 10.37
CA HIS A 76 -17.23 -28.25 11.48
C HIS A 76 -15.78 -28.28 10.99
N VAL A 77 -15.58 -28.15 9.69
CA VAL A 77 -14.23 -28.20 9.13
C VAL A 77 -13.87 -27.01 8.25
N VAL A 78 -12.61 -26.60 8.28
CA VAL A 78 -12.16 -25.51 7.41
C VAL A 78 -10.84 -25.92 6.77
N LEU A 79 -10.65 -25.56 5.51
CA LEU A 79 -9.42 -25.89 4.83
C LEU A 79 -8.51 -24.67 4.86
N VAL A 80 -7.37 -24.78 5.54
CA VAL A 80 -6.41 -23.69 5.61
C VAL A 80 -5.41 -24.09 4.56
N ASN A 81 -5.44 -23.38 3.45
CA ASN A 81 -4.61 -23.68 2.27
C ASN A 81 -5.35 -24.91 1.75
N ASN A 82 -4.80 -26.09 2.02
CA ASN A 82 -5.49 -27.31 1.60
C ASN A 82 -5.45 -28.34 2.73
N TYR A 83 -5.16 -27.88 3.94
CA TYR A 83 -5.11 -28.73 5.12
C TYR A 83 -6.42 -28.69 5.88
N PRO A 84 -7.05 -29.85 6.10
CA PRO A 84 -8.32 -29.86 6.83
C PRO A 84 -8.10 -29.64 8.32
N VAL A 85 -8.77 -28.66 8.90
CA VAL A 85 -8.59 -28.41 10.33
C VAL A 85 -9.88 -28.75 11.07
N ASN A 86 -9.69 -29.55 12.11
CA ASN A 86 -10.72 -30.12 12.96
C ASN A 86 -10.86 -29.37 14.29
N GLN A 87 -9.73 -29.19 14.95
CA GLN A 87 -9.67 -28.55 16.26
C GLN A 87 -8.91 -27.23 16.13
N ILE A 88 -9.54 -26.15 16.58
CA ILE A 88 -8.94 -24.84 16.45
C ILE A 88 -8.48 -24.12 17.72
N ASN A 89 -7.34 -23.43 17.59
CA ASN A 89 -6.77 -22.63 18.68
C ASN A 89 -6.50 -21.23 18.12
N ILE A 90 -7.13 -20.22 18.71
CA ILE A 90 -6.94 -18.83 18.27
C ILE A 90 -6.71 -17.96 19.50
N PHE A 91 -6.25 -16.75 19.27
CA PHE A 91 -6.02 -15.81 20.37
C PHE A 91 -6.42 -14.41 19.86
N GLY A 92 -6.51 -13.44 20.77
CA GLY A 92 -6.85 -12.10 20.38
C GLY A 92 -7.45 -11.27 21.49
N LYS A 93 -7.79 -10.02 21.16
CA LYS A 93 -8.39 -9.10 22.10
C LYS A 93 -9.89 -9.19 22.01
N ILE A 94 -10.55 -9.00 23.13
CA ILE A 94 -11.99 -9.00 23.14
C ILE A 94 -12.41 -7.63 22.63
N VAL A 95 -13.14 -7.62 21.52
CA VAL A 95 -13.58 -6.39 20.91
C VAL A 95 -15.08 -6.20 21.05
N TYR A 96 -15.80 -7.24 21.48
CA TYR A 96 -17.25 -7.15 21.62
C TYR A 96 -17.81 -8.18 22.60
N GLU A 97 -18.75 -7.74 23.44
CA GLU A 97 -19.38 -8.60 24.45
C GLU A 97 -20.90 -8.59 24.41
N GLN A 98 -21.51 -9.75 24.52
CA GLN A 98 -22.96 -9.87 24.52
C GLN A 98 -23.33 -11.00 25.47
N TYR A 99 -24.22 -10.70 26.42
CA TYR A 99 -24.65 -11.69 27.39
C TYR A 99 -26.06 -12.17 27.07
N LYS A 100 -26.24 -13.47 27.02
CA LYS A 100 -27.57 -14.04 26.73
C LYS A 100 -28.03 -15.00 27.82
N GLU A 101 -29.34 -15.02 28.08
CA GLU A 101 -29.88 -15.89 29.13
C GLU A 101 -31.15 -16.66 28.74
N LYS A 102 -31.04 -17.53 27.75
CA LYS A 102 -32.18 -18.31 27.29
C LYS A 102 -32.91 -18.97 28.46
N GLU A 103 -34.18 -19.32 28.24
CA GLU A 103 -34.98 -19.95 29.28
C GLU A 103 -35.57 -21.31 28.88
N PHE A 104 -35.34 -22.31 29.72
CA PHE A 104 -35.83 -23.66 29.48
C PHE A 104 -36.57 -24.20 30.70
N ASN A 105 -36.73 -25.52 30.76
CA ASN A 105 -37.42 -26.19 31.87
C ASN A 105 -36.55 -26.18 33.12
N GLY A 106 -36.79 -25.20 34.00
CA GLY A 106 -36.01 -25.09 35.22
C GLY A 106 -34.57 -24.86 34.82
N VAL A 107 -34.38 -24.77 33.51
CA VAL A 107 -33.05 -24.59 32.94
C VAL A 107 -32.85 -23.18 32.46
N GLU A 108 -31.94 -22.49 33.13
CA GLU A 108 -31.64 -21.11 32.73
C GLU A 108 -30.23 -21.46 32.31
N GLU A 109 -29.82 -21.14 31.09
CA GLU A 109 -28.46 -21.44 30.68
C GLU A 109 -28.07 -20.05 30.25
N SER A 110 -26.92 -19.59 30.71
CA SER A 110 -26.45 -18.26 30.36
C SER A 110 -25.20 -18.43 29.53
N TYR A 111 -25.08 -17.58 28.52
CA TYR A 111 -23.93 -17.64 27.63
C TYR A 111 -23.35 -16.28 27.36
N VAL A 112 -22.17 -16.29 26.77
CA VAL A 112 -21.46 -15.08 26.39
C VAL A 112 -21.07 -15.23 24.94
N ILE A 113 -21.19 -14.13 24.20
CA ILE A 113 -20.82 -14.09 22.81
C ILE A 113 -19.82 -12.96 22.70
N LEU A 114 -18.64 -13.27 22.18
CA LEU A 114 -17.57 -12.29 22.03
C LEU A 114 -17.12 -12.28 20.58
N VAL A 115 -16.39 -11.23 20.22
CA VAL A 115 -15.80 -11.09 18.92
C VAL A 115 -14.34 -10.93 19.31
N ILE A 116 -13.48 -11.78 18.77
CA ILE A 116 -12.07 -11.71 19.08
C ILE A 116 -11.30 -11.26 17.87
N SER A 117 -10.29 -10.45 18.11
CA SER A 117 -9.48 -9.96 17.02
C SER A 117 -8.01 -10.14 17.35
N ASP A 118 -7.29 -10.88 16.48
CA ASP A 118 -5.84 -11.06 16.63
C ASP A 118 -5.28 -9.99 15.70
N PHE A 119 -6.20 -9.46 14.90
CA PHE A 119 -5.88 -8.26 14.19
C PHE A 119 -4.95 -8.22 13.01
N ILE A 120 -4.34 -9.33 12.65
CA ILE A 120 -3.42 -9.27 11.50
C ILE A 120 -3.90 -9.99 10.23
N GLY A 121 -3.91 -9.30 9.10
CA GLY A 121 -4.39 -9.83 7.83
C GLY A 121 -5.78 -9.22 7.68
N ILE A 122 -6.51 -9.56 6.62
CA ILE A 122 -7.85 -8.99 6.46
C ILE A 122 -8.91 -9.91 7.08
N ASP A 123 -9.87 -9.31 7.78
CA ASP A 123 -10.92 -10.08 8.41
C ASP A 123 -10.28 -10.95 9.49
N SER A 124 -9.72 -10.29 10.50
CA SER A 124 -9.06 -10.99 11.60
C SER A 124 -9.96 -10.99 12.82
N LYS A 125 -11.26 -10.96 12.59
CA LYS A 125 -12.22 -10.96 13.68
C LYS A 125 -13.16 -12.14 13.50
N ILE A 126 -13.52 -12.77 14.62
CA ILE A 126 -14.40 -13.92 14.56
C ILE A 126 -15.30 -14.03 15.77
N ARG A 127 -16.55 -14.43 15.53
CA ARG A 127 -17.51 -14.58 16.62
C ARG A 127 -17.14 -15.84 17.39
N VAL A 128 -17.28 -15.77 18.70
CA VAL A 128 -16.96 -16.86 19.60
C VAL A 128 -18.11 -17.00 20.60
N ARG A 129 -18.43 -18.24 20.98
CA ARG A 129 -19.52 -18.49 21.92
C ARG A 129 -19.04 -19.35 23.09
N LEU A 130 -19.48 -18.97 24.29
CA LEU A 130 -19.02 -19.64 25.48
C LEU A 130 -20.08 -19.55 26.57
N SER A 131 -20.04 -20.46 27.53
CA SER A 131 -20.99 -20.42 28.64
C SER A 131 -20.51 -19.38 29.64
N GLN A 132 -21.42 -18.86 30.46
CA GLN A 132 -21.03 -17.87 31.46
C GLN A 132 -20.09 -18.47 32.50
N GLU A 133 -20.26 -19.76 32.79
CA GLU A 133 -19.40 -20.44 33.74
C GLU A 133 -17.94 -20.32 33.26
N GLN A 134 -17.69 -20.72 32.03
CA GLN A 134 -16.34 -20.68 31.48
C GLN A 134 -15.76 -19.27 31.46
N PHE A 135 -16.63 -18.30 31.26
CA PHE A 135 -16.29 -16.87 31.19
C PHE A 135 -15.86 -16.34 32.57
N LYS A 136 -16.68 -16.60 33.58
CA LYS A 136 -16.40 -16.16 34.94
C LYS A 136 -15.23 -16.89 35.61
N GLU A 137 -15.06 -18.17 35.31
CA GLU A 137 -13.99 -18.93 35.95
C GLU A 137 -12.62 -18.54 35.44
N VAL A 138 -12.58 -17.66 34.44
CA VAL A 138 -11.30 -17.24 33.92
C VAL A 138 -11.06 -15.79 34.34
N GLY A 139 -11.95 -15.28 35.19
CA GLY A 139 -11.81 -13.93 35.71
C GLY A 139 -12.45 -12.79 34.94
N LEU A 140 -13.22 -13.10 33.89
CA LEU A 140 -13.88 -12.06 33.12
C LEU A 140 -15.17 -11.67 33.83
N THR A 141 -15.40 -10.37 33.94
CA THR A 141 -16.58 -9.86 34.63
C THR A 141 -17.77 -9.59 33.70
N LEU A 142 -18.97 -9.82 34.23
CA LEU A 142 -20.21 -9.60 33.49
C LEU A 142 -20.68 -8.17 33.64
N ASP A 143 -19.83 -7.23 33.24
CA ASP A 143 -20.15 -5.83 33.34
C ASP A 143 -19.81 -5.10 32.07
N LYS A 144 -19.50 -5.86 31.02
CA LYS A 144 -19.17 -5.28 29.74
C LYS A 144 -17.87 -4.47 29.79
N LYS A 145 -16.97 -4.83 30.69
CA LYS A 145 -15.71 -4.10 30.81
C LYS A 145 -14.49 -4.97 30.55
N ASN A 146 -14.58 -5.85 29.56
CA ASN A 146 -13.46 -6.73 29.24
C ASN A 146 -12.80 -6.36 27.93
N TYR A 147 -13.26 -5.27 27.32
CA TYR A 147 -12.69 -4.81 26.08
C TYR A 147 -11.18 -4.69 26.24
N GLY A 148 -10.43 -5.16 25.24
CA GLY A 148 -8.99 -5.05 25.29
C GLY A 148 -8.21 -6.25 25.80
N LYS A 149 -8.82 -7.02 26.70
CA LYS A 149 -8.16 -8.19 27.26
C LYS A 149 -7.75 -9.21 26.20
N ILE A 150 -6.59 -9.83 26.38
CA ILE A 150 -6.09 -10.83 25.43
C ILE A 150 -6.42 -12.24 25.94
N VAL A 151 -7.07 -13.02 25.08
CA VAL A 151 -7.44 -14.39 25.43
C VAL A 151 -6.90 -15.39 24.44
N GLU A 152 -6.85 -16.65 24.86
CA GLU A 152 -6.42 -17.75 23.99
C GLU A 152 -7.55 -18.76 24.13
N LEU A 153 -8.05 -19.22 22.99
CA LEU A 153 -9.18 -20.14 22.95
C LEU A 153 -8.95 -21.37 22.11
N GLU A 154 -9.59 -22.46 22.52
CA GLU A 154 -9.52 -23.70 21.80
C GLU A 154 -10.98 -24.09 21.63
N GLY A 155 -11.33 -24.68 20.48
CA GLY A 155 -12.70 -25.09 20.30
C GLY A 155 -13.03 -25.68 18.95
N GLU A 156 -14.31 -25.88 18.75
CA GLU A 156 -14.79 -26.42 17.49
C GLU A 156 -15.48 -25.27 16.78
N ILE A 157 -15.38 -25.26 15.45
CA ILE A 157 -15.95 -24.19 14.68
C ILE A 157 -17.13 -24.68 13.86
N TYR A 158 -18.13 -23.82 13.69
CA TYR A 158 -19.27 -24.17 12.84
C TYR A 158 -19.28 -23.18 11.69
N ASN A 159 -19.37 -23.67 10.46
CA ASN A 159 -19.40 -22.79 9.30
C ASN A 159 -20.74 -22.94 8.60
N TRP A 160 -21.43 -21.83 8.36
CA TRP A 160 -22.71 -21.86 7.66
C TRP A 160 -22.42 -21.82 6.15
N TYR A 161 -21.68 -22.81 5.65
CA TYR A 161 -21.35 -22.85 4.23
C TYR A 161 -22.64 -22.79 3.41
N ASP A 162 -22.62 -21.97 2.36
CA ASP A 162 -23.77 -21.76 1.47
C ASP A 162 -23.69 -22.71 0.26
N SER A 163 -24.54 -23.73 0.22
CA SER A 163 -24.51 -24.67 -0.89
C SER A 163 -24.92 -24.05 -2.22
N ILE A 164 -25.87 -23.11 -2.16
CA ILE A 164 -26.35 -22.45 -3.38
C ILE A 164 -25.39 -21.38 -3.92
N ASN A 165 -24.89 -20.51 -3.06
CA ASN A 165 -23.94 -19.47 -3.49
C ASN A 165 -22.53 -19.94 -3.19
N VAL A 166 -22.23 -21.11 -3.76
CA VAL A 166 -20.97 -21.82 -3.62
C VAL A 166 -19.66 -21.09 -3.38
N SER A 167 -19.49 -19.90 -3.95
CA SER A 167 -18.24 -19.17 -3.75
C SER A 167 -18.27 -18.17 -2.60
N LYS A 168 -19.45 -17.91 -2.08
CA LYS A 168 -19.63 -16.94 -0.99
C LYS A 168 -19.05 -17.41 0.34
N LYS A 169 -18.38 -16.50 1.04
CA LYS A 169 -17.80 -16.83 2.35
C LYS A 169 -18.93 -16.96 3.37
N PRO A 170 -18.81 -17.91 4.30
CA PRO A 170 -19.85 -18.10 5.30
C PRO A 170 -19.67 -17.35 6.61
N ASP A 171 -20.77 -17.31 7.36
CA ASP A 171 -20.74 -16.73 8.69
C ASP A 171 -20.18 -17.89 9.49
N ARG A 172 -19.32 -17.60 10.46
CA ARG A 172 -18.72 -18.65 11.25
C ARG A 172 -18.83 -18.35 12.74
N GLU A 173 -18.59 -19.36 13.56
CA GLU A 173 -18.64 -19.22 15.00
C GLU A 173 -17.77 -20.28 15.66
N LEU A 174 -17.05 -19.90 16.70
CA LEU A 174 -16.22 -20.83 17.42
C LEU A 174 -16.92 -21.22 18.72
N LYS A 175 -17.14 -22.52 18.92
CA LYS A 175 -17.77 -23.03 20.14
C LYS A 175 -16.58 -23.29 21.03
N VAL A 176 -16.40 -22.46 22.06
CA VAL A 176 -15.25 -22.56 22.93
C VAL A 176 -15.24 -23.71 23.94
N SER A 177 -14.26 -24.60 23.81
CA SER A 177 -14.14 -25.72 24.73
C SER A 177 -13.16 -25.31 25.84
N LYS A 178 -12.26 -24.39 25.52
CA LYS A 178 -11.28 -23.93 26.50
C LYS A 178 -10.86 -22.47 26.29
N ILE A 179 -10.90 -21.70 27.36
CA ILE A 179 -10.48 -20.30 27.32
C ILE A 179 -9.44 -20.02 28.40
N THR A 180 -8.46 -19.21 28.05
CA THR A 180 -7.41 -18.81 28.98
C THR A 180 -7.23 -17.29 28.83
N VAL A 181 -7.22 -16.56 29.93
CA VAL A 181 -7.01 -15.12 29.83
C VAL A 181 -5.52 -14.87 29.91
N LEU A 182 -4.92 -14.41 28.81
CA LEU A 182 -3.49 -14.15 28.79
C LEU A 182 -3.12 -12.85 29.52
N SER A 183 -4.02 -11.87 29.49
CA SER A 183 -3.77 -10.59 30.14
C SER A 183 -5.05 -9.84 30.43
N HIS A 184 -5.23 -9.46 31.67
CA HIS A 184 -6.40 -8.70 32.11
C HIS A 184 -6.12 -7.20 31.90
N ARG A 185 -4.84 -6.86 31.79
CA ARG A 185 -4.43 -5.47 31.58
C ARG A 185 -4.43 -5.09 30.11
N PRO A 186 -4.57 -3.78 29.82
CA PRO A 186 -4.60 -3.25 28.45
C PRO A 186 -3.31 -3.58 27.72
N ASP A 187 -2.18 -3.31 28.38
CA ASP A 187 -0.89 -3.61 27.79
C ASP A 187 -0.58 -5.09 27.87
N GLY A 188 -0.81 -5.78 26.77
CA GLY A 188 -0.51 -7.20 26.74
C GLY A 188 0.30 -7.39 25.48
N LEU A 189 0.96 -6.32 25.05
CA LEU A 189 1.75 -6.35 23.84
C LEU A 189 2.71 -7.51 23.79
N HIS A 190 3.40 -7.80 24.90
CA HIS A 190 4.34 -8.93 24.89
C HIS A 190 3.62 -10.26 24.65
N PHE A 191 2.37 -10.35 25.09
CA PHE A 191 1.61 -11.58 24.89
C PHE A 191 1.23 -11.72 23.43
N GLU A 192 0.98 -10.59 22.79
CA GLU A 192 0.62 -10.63 21.37
C GLU A 192 1.84 -11.02 20.52
N PHE A 193 3.02 -10.49 20.86
CA PHE A 193 4.21 -10.83 20.10
C PHE A 193 4.54 -12.31 20.28
N GLU A 194 4.20 -12.81 21.46
CA GLU A 194 4.44 -14.21 21.78
C GLU A 194 3.47 -15.04 20.92
N GLN A 195 2.18 -14.70 20.97
CA GLN A 195 1.18 -15.42 20.19
C GLN A 195 1.43 -15.28 18.69
N TRP A 196 1.56 -14.03 18.21
CA TRP A 196 1.82 -13.80 16.80
C TRP A 196 2.99 -14.64 16.30
N LYS A 197 4.09 -14.62 17.05
CA LYS A 197 5.26 -15.39 16.67
C LYS A 197 4.96 -16.89 16.55
N LYS A 198 4.30 -17.44 17.56
CA LYS A 198 3.95 -18.86 17.54
C LYS A 198 3.18 -19.21 16.28
N ARG A 199 2.14 -18.42 15.98
CA ARG A 199 1.32 -18.69 14.80
C ARG A 199 2.03 -18.45 13.48
N MET A 200 3.02 -17.55 13.48
CA MET A 200 3.77 -17.28 12.25
C MET A 200 4.69 -18.47 11.98
N GLU A 201 5.45 -18.87 13.00
CA GLU A 201 6.36 -19.99 12.89
C GLU A 201 5.60 -21.23 12.45
N PHE A 202 4.44 -21.46 13.05
CA PHE A 202 3.63 -22.62 12.70
C PHE A 202 3.13 -22.52 11.27
N ARG A 203 2.71 -21.33 10.87
CA ARG A 203 2.20 -21.17 9.52
C ARG A 203 3.28 -21.43 8.48
N LYS A 204 4.51 -21.03 8.79
CA LYS A 204 5.62 -21.23 7.86
C LYS A 204 5.99 -22.70 7.73
N ASN A 205 6.28 -23.33 8.86
CA ASN A 205 6.69 -24.73 8.90
C ASN A 205 5.64 -25.78 8.54
N ASN A 206 4.35 -25.41 8.56
CA ASN A 206 3.30 -26.38 8.28
C ASN A 206 2.21 -26.01 7.27
N LEU A 207 1.92 -24.72 7.14
CA LEU A 207 0.83 -24.32 6.25
C LEU A 207 1.16 -23.70 4.91
N VAL A 208 2.25 -22.93 4.83
CA VAL A 208 2.62 -22.31 3.55
C VAL A 208 2.74 -23.32 2.42
N GLU A 209 3.57 -24.34 2.60
CA GLU A 209 3.72 -25.37 1.59
C GLU A 209 2.50 -26.29 1.67
N PRO A 210 1.73 -26.39 0.57
CA PRO A 210 0.53 -27.23 0.55
C PRO A 210 0.75 -28.69 0.91
N TRP A 211 -0.29 -29.29 1.47
CA TRP A 211 -0.26 -30.69 1.87
C TRP A 211 -0.22 -31.56 0.63
N VAL A 212 0.67 -32.54 0.65
CA VAL A 212 0.82 -33.47 -0.47
C VAL A 212 0.74 -34.89 0.08
N PHE A 213 -0.28 -35.64 -0.34
CA PHE A 213 -0.43 -37.00 0.14
C PHE A 213 0.11 -38.02 -0.86
N ILE A 214 1.13 -38.76 -0.43
CA ILE A 214 1.71 -39.78 -1.28
C ILE A 214 1.80 -41.16 -0.63
N PRO A 215 1.18 -42.16 -1.29
CA PRO A 215 1.12 -43.57 -0.86
C PRO A 215 2.50 -44.15 -0.59
N THR A 216 2.64 -44.72 0.60
CA THR A 216 3.90 -45.34 1.06
C THR A 216 5.13 -44.82 0.29
N PRO A 217 5.40 -43.59 0.31
N SER B 2 -5.64 -3.10 7.58
CA SER B 2 -5.18 -3.76 8.82
C SER B 2 -3.66 -3.79 8.88
N LYS B 3 -3.07 -2.81 9.56
CA LYS B 3 -1.62 -2.73 9.69
C LYS B 3 -1.17 -2.11 11.00
N ILE B 4 0.04 -2.44 11.40
CA ILE B 4 0.62 -1.88 12.62
C ILE B 4 1.66 -0.88 12.11
N ILE B 5 1.49 0.38 12.50
CA ILE B 5 2.40 1.43 12.07
C ILE B 5 3.56 1.67 13.04
N LEU B 6 4.77 1.61 12.51
CA LEU B 6 5.97 1.84 13.28
C LEU B 6 6.51 3.21 12.94
N ILE B 7 6.09 3.75 11.79
CA ILE B 7 6.53 5.07 11.38
C ILE B 7 5.28 5.91 11.18
N PRO B 8 4.89 6.67 12.20
CA PRO B 8 3.70 7.52 12.18
C PRO B 8 3.55 8.44 10.96
N SER B 9 4.64 9.10 10.56
CA SER B 9 4.54 10.00 9.43
C SER B 9 4.34 9.29 8.11
N ASN B 10 4.45 7.96 8.09
CA ASN B 10 4.24 7.20 6.85
C ASN B 10 2.78 6.83 6.63
N ILE B 11 1.93 7.16 7.60
CA ILE B 11 0.51 6.83 7.52
C ILE B 11 -0.16 7.29 6.23
N PRO B 12 -0.02 8.56 5.87
CA PRO B 12 -0.69 8.97 4.61
C PRO B 12 -0.15 8.21 3.38
N GLN B 13 1.13 7.89 3.37
CA GLN B 13 1.70 7.13 2.25
C GLN B 13 1.22 5.67 2.28
N GLU B 14 0.88 5.17 3.48
CA GLU B 14 0.40 3.79 3.62
C GLU B 14 -1.06 3.67 3.23
N PHE B 15 -1.83 4.74 3.42
CA PHE B 15 -3.24 4.71 3.06
C PHE B 15 -3.65 5.95 2.28
N PRO B 16 -3.18 6.07 1.02
CA PRO B 16 -3.49 7.22 0.17
C PRO B 16 -4.98 7.35 -0.16
N GLU B 17 -5.73 6.28 0.02
CA GLU B 17 -7.17 6.27 -0.27
C GLU B 17 -8.11 6.49 0.91
N ALA B 18 -7.57 6.69 2.11
CA ALA B 18 -8.41 6.90 3.29
C ALA B 18 -9.28 8.15 3.18
N SER B 19 -10.43 8.14 3.85
CA SER B 19 -11.34 9.28 3.82
C SER B 19 -12.43 9.08 4.88
N ILE B 20 -13.22 10.11 5.12
CA ILE B 20 -14.31 10.01 6.10
C ILE B 20 -15.30 8.96 5.63
N SER B 21 -15.38 8.76 4.32
CA SER B 21 -16.31 7.77 3.75
C SER B 21 -15.74 6.36 3.86
N ASN B 22 -14.42 6.25 3.95
CA ASN B 22 -13.76 4.95 4.06
C ASN B 22 -12.54 5.09 4.96
N PRO B 23 -12.75 5.24 6.28
CA PRO B 23 -11.62 5.38 7.20
C PRO B 23 -10.82 4.08 7.30
N GLU B 24 -9.61 4.18 7.84
CA GLU B 24 -8.76 3.00 7.99
C GLU B 24 -8.42 2.74 9.44
N ARG B 25 -8.76 1.55 9.93
CA ARG B 25 -8.46 1.17 11.32
C ARG B 25 -6.94 1.05 11.41
N LEU B 26 -6.37 1.58 12.48
CA LEU B 26 -4.91 1.52 12.64
C LEU B 26 -4.49 1.24 14.06
N ARG B 27 -3.22 0.88 14.18
CA ARG B 27 -2.61 0.59 15.46
C ARG B 27 -1.21 1.18 15.34
N ILE B 28 -0.89 2.16 16.19
CA ILE B 28 0.41 2.81 16.17
C ILE B 28 1.25 2.49 17.39
N LEU B 29 2.51 2.15 17.16
CA LEU B 29 3.45 1.89 18.24
C LEU B 29 4.42 3.04 18.08
N ALA B 30 4.48 3.91 19.07
CA ALA B 30 5.35 5.07 18.95
C ALA B 30 5.89 5.52 20.30
N GLN B 31 6.78 6.49 20.24
CA GLN B 31 7.35 7.05 21.45
C GLN B 31 6.81 8.45 21.56
N VAL B 32 6.37 8.83 22.75
CA VAL B 32 5.85 10.16 22.98
C VAL B 32 7.05 11.10 23.14
N LYS B 33 7.13 12.12 22.30
CA LYS B 33 8.23 13.09 22.38
C LYS B 33 7.79 14.29 23.19
N ASP B 34 6.50 14.61 23.15
CA ASP B 34 6.02 15.76 23.89
C ASP B 34 4.52 15.75 24.05
N PHE B 35 4.02 16.59 24.94
CA PHE B 35 2.60 16.71 25.18
C PHE B 35 2.30 18.22 25.30
N ILE B 36 1.33 18.68 24.52
CA ILE B 36 0.94 20.09 24.54
C ILE B 36 -0.38 20.13 25.30
N PRO B 37 -0.31 20.46 26.60
CA PRO B 37 -1.51 20.52 27.43
C PRO B 37 -2.64 21.48 27.04
N HIS B 38 -2.32 22.72 26.66
CA HIS B 38 -3.40 23.62 26.32
C HIS B 38 -4.16 23.20 25.06
N GLU B 39 -3.62 22.23 24.34
CA GLU B 39 -4.27 21.73 23.15
C GLU B 39 -4.53 20.23 23.15
N SER B 40 -4.31 19.60 24.31
CA SER B 40 -4.53 18.16 24.46
C SER B 40 -3.94 17.40 23.28
N THR B 41 -2.70 17.73 22.92
CA THR B 41 -2.06 17.09 21.80
C THR B 41 -0.74 16.42 22.19
N ILE B 42 -0.57 15.17 21.80
CA ILE B 42 0.66 14.46 22.08
C ILE B 42 1.47 14.40 20.79
N VAL B 43 2.76 14.66 20.90
CA VAL B 43 3.61 14.61 19.73
C VAL B 43 4.33 13.27 19.79
N ILE B 44 4.14 12.45 18.76
CA ILE B 44 4.76 11.14 18.75
C ILE B 44 5.68 10.92 17.57
N ASP B 45 6.47 9.87 17.69
CA ASP B 45 7.40 9.49 16.63
C ASP B 45 7.67 7.99 16.73
N LYS B 46 8.38 7.46 15.75
CA LYS B 46 8.72 6.05 15.75
C LYS B 46 9.53 5.75 17.02
N VAL B 47 9.38 4.54 17.55
CA VAL B 47 10.14 4.15 18.72
C VAL B 47 11.58 4.16 18.18
N PRO B 48 12.47 4.91 18.84
CA PRO B 48 13.88 5.03 18.43
C PRO B 48 14.61 3.88 17.72
N THR B 49 15.34 3.07 18.48
CA THR B 49 16.15 1.96 17.96
C THR B 49 15.58 1.01 16.90
N ILE B 50 14.33 1.18 16.52
CA ILE B 50 13.70 0.29 15.53
C ILE B 50 14.23 0.31 14.10
N THR B 51 14.34 1.50 13.51
CA THR B 51 14.79 1.60 12.14
C THR B 51 15.61 2.85 11.87
N SER B 52 16.25 2.89 10.71
CA SER B 52 17.06 4.03 10.32
C SER B 52 16.27 4.88 9.33
N GLU B 53 15.11 4.37 8.92
CA GLU B 53 14.26 5.09 7.98
C GLU B 53 13.86 6.44 8.53
N GLN B 54 13.82 7.43 7.63
CA GLN B 54 13.46 8.80 8.00
C GLN B 54 12.08 8.80 8.61
N SER B 55 11.86 9.74 9.52
CA SER B 55 10.56 9.84 10.18
C SER B 55 10.38 11.27 10.63
N THR B 56 9.13 11.69 10.80
CA THR B 56 8.81 13.04 11.25
C THR B 56 7.75 12.99 12.33
N TYR B 57 7.87 13.85 13.34
CA TYR B 57 6.90 13.86 14.42
C TYR B 57 5.52 14.19 13.90
N ILE B 58 4.49 13.61 14.50
CA ILE B 58 3.12 13.94 14.11
C ILE B 58 2.39 14.28 15.39
N ASN B 59 1.38 15.14 15.30
CA ASN B 59 0.64 15.58 16.47
C ASN B 59 -0.78 15.06 16.50
N ILE B 60 -1.09 14.26 17.50
CA ILE B 60 -2.42 13.68 17.64
C ILE B 60 -3.17 14.31 18.80
N CYS B 61 -4.34 14.87 18.51
CA CYS B 61 -5.13 15.50 19.54
C CYS B 61 -5.95 14.42 20.21
N ILE B 62 -5.67 14.17 21.49
CA ILE B 62 -6.39 13.14 22.21
C ILE B 62 -7.38 13.69 23.22
N PHE B 63 -7.91 14.87 22.92
CA PHE B 63 -8.86 15.57 23.77
C PHE B 63 -10.05 14.70 24.23
N ASN B 64 -10.55 13.86 23.35
CA ASN B 64 -11.68 13.01 23.70
C ASN B 64 -11.29 11.69 24.37
N LEU B 65 -10.04 11.60 24.80
CA LEU B 65 -9.55 10.39 25.47
C LEU B 65 -9.04 10.66 26.89
N LEU B 66 -8.78 11.91 27.19
CA LEU B 66 -8.25 12.32 28.49
C LEU B 66 -8.88 11.67 29.71
N GLU B 67 -10.21 11.74 29.82
CA GLU B 67 -10.90 11.17 30.97
C GLU B 67 -10.60 9.68 31.16
N ALA B 68 -10.73 8.91 30.09
CA ALA B 68 -10.47 7.46 30.14
C ALA B 68 -8.98 7.13 30.16
N CYS B 69 -8.18 7.98 29.53
CA CYS B 69 -6.72 7.78 29.46
C CYS B 69 -6.03 7.77 30.79
N SER B 70 -4.94 7.02 30.86
CA SER B 70 -4.12 6.99 32.05
C SER B 70 -3.17 8.17 31.84
N SER B 71 -2.81 8.86 32.92
CA SER B 71 -1.90 10.01 32.86
C SER B 71 -0.54 9.67 32.28
N ARG B 72 -0.08 8.44 32.55
CA ARG B 72 1.23 7.99 32.09
C ARG B 72 1.45 8.09 30.59
N VAL B 73 0.37 7.93 29.84
CA VAL B 73 0.43 7.98 28.40
C VAL B 73 0.69 9.39 27.86
N LEU B 74 0.73 10.37 28.77
CA LEU B 74 0.96 11.77 28.37
C LEU B 74 2.35 12.23 28.77
N VAL B 75 3.11 11.37 29.43
CA VAL B 75 4.48 11.71 29.86
C VAL B 75 5.47 11.48 28.72
N PRO B 76 6.18 12.53 28.29
CA PRO B 76 7.15 12.35 27.21
C PRO B 76 8.20 11.31 27.58
N GLY B 77 8.46 10.38 26.68
CA GLY B 77 9.42 9.30 26.94
C GLY B 77 8.68 7.97 26.99
N THR B 78 7.37 8.05 27.26
CA THR B 78 6.53 6.87 27.34
C THR B 78 6.33 6.23 25.97
N LEU B 79 6.45 4.91 25.89
CA LEU B 79 6.22 4.22 24.63
C LEU B 79 4.74 3.88 24.66
N VAL B 80 4.04 4.09 23.54
CA VAL B 80 2.61 3.82 23.56
C VAL B 80 2.03 3.10 22.34
N ASN B 81 0.82 2.59 22.56
CA ASN B 81 0.06 1.90 21.53
C ASN B 81 -1.14 2.78 21.30
N ILE B 82 -1.37 3.15 20.05
CA ILE B 82 -2.49 4.00 19.74
C ILE B 82 -3.39 3.37 18.71
N ASP B 83 -4.63 3.08 19.10
CA ASP B 83 -5.61 2.51 18.18
C ASP B 83 -6.39 3.71 17.66
N ALA B 84 -6.47 3.85 16.35
CA ALA B 84 -7.18 4.98 15.79
C ALA B 84 -7.70 4.75 14.40
N PHE B 85 -8.53 5.69 13.94
CA PHE B 85 -9.09 5.65 12.61
C PHE B 85 -8.51 6.84 11.87
N TYR B 86 -7.93 6.59 10.70
CA TYR B 86 -7.35 7.64 9.88
C TYR B 86 -8.35 7.91 8.78
N ASP B 87 -8.84 9.14 8.71
CA ASP B 87 -9.80 9.51 7.70
C ASP B 87 -9.16 10.17 6.48
N GLY B 88 -7.84 10.08 6.37
CA GLY B 88 -7.19 10.68 5.22
C GLY B 88 -6.62 12.08 5.43
N GLU B 89 -6.88 12.64 6.59
CA GLU B 89 -6.37 13.97 6.89
C GLU B 89 -6.01 14.06 8.36
N SER B 90 -6.89 13.54 9.20
CA SER B 90 -6.68 13.54 10.63
C SER B 90 -6.69 12.14 11.23
N ILE B 91 -6.26 12.05 12.48
CA ILE B 91 -6.22 10.78 13.20
C ILE B 91 -7.21 10.83 14.35
N ASN B 92 -8.12 9.86 14.38
CA ASN B 92 -9.14 9.78 15.43
C ASN B 92 -8.79 8.62 16.35
N PRO B 93 -8.17 8.90 17.49
CA PRO B 93 -7.80 7.87 18.45
C PRO B 93 -8.98 7.33 19.22
N VAL B 94 -9.04 6.02 19.39
CA VAL B 94 -10.13 5.38 20.12
C VAL B 94 -9.63 4.75 21.41
N ASP B 95 -8.33 4.63 21.53
CA ASP B 95 -7.74 4.03 22.72
C ASP B 95 -6.23 4.25 22.70
N ILE B 96 -5.62 4.28 23.88
CA ILE B 96 -4.19 4.48 23.99
C ILE B 96 -3.69 4.00 25.35
N TYR B 97 -2.53 3.32 25.35
CA TYR B 97 -1.94 2.83 26.60
C TYR B 97 -0.45 2.60 26.47
N GLU B 98 0.25 2.66 27.58
CA GLU B 98 1.68 2.44 27.58
C GLU B 98 2.07 1.00 27.28
N VAL B 99 3.18 0.83 26.58
CA VAL B 99 3.70 -0.49 26.25
C VAL B 99 5.16 -0.56 26.70
N ASN B 100 5.56 -1.75 27.12
CA ASN B 100 6.91 -1.99 27.62
C ASN B 100 7.96 -1.93 26.52
N GLY B 101 9.10 -1.31 26.84
CA GLY B 101 10.17 -1.17 25.87
C GLY B 101 10.86 -2.45 25.44
N ALA B 102 10.79 -3.48 26.27
CA ALA B 102 11.43 -4.75 25.95
C ALA B 102 10.78 -5.42 24.76
N ASN B 103 9.63 -4.91 24.33
CA ASN B 103 8.93 -5.50 23.19
C ASN B 103 9.56 -5.15 21.85
N PHE B 104 10.39 -4.12 21.82
CA PHE B 104 11.00 -3.68 20.57
C PHE B 104 12.37 -4.27 20.27
N THR B 105 12.36 -5.57 19.99
CA THR B 105 13.55 -6.31 19.65
C THR B 105 13.58 -6.44 18.14
N MET B 106 14.74 -6.76 17.60
CA MET B 106 14.89 -6.91 16.16
C MET B 106 13.91 -7.98 15.67
N GLU B 107 13.79 -9.06 16.43
CA GLU B 107 12.91 -10.16 16.09
C GLU B 107 11.45 -9.74 15.94
N ASN B 108 10.93 -9.01 16.90
CA ASN B 108 9.52 -8.59 16.86
C ASN B 108 9.25 -7.59 15.74
N ILE B 109 10.23 -6.73 15.47
CA ILE B 109 10.10 -5.73 14.41
C ILE B 109 9.99 -6.45 13.08
N GLN B 110 10.79 -7.48 12.88
CA GLN B 110 10.73 -8.24 11.64
C GLN B 110 9.43 -9.02 11.57
N LEU B 111 8.94 -9.47 12.73
CA LEU B 111 7.69 -10.21 12.81
C LEU B 111 6.55 -9.31 12.34
N ILE B 112 6.62 -8.04 12.74
CA ILE B 112 5.59 -7.07 12.37
C ILE B 112 5.61 -6.85 10.86
N ASP B 113 6.79 -6.82 10.27
CA ASP B 113 6.88 -6.63 8.83
C ASP B 113 6.13 -7.73 8.10
N GLU B 114 6.42 -8.98 8.46
CA GLU B 114 5.76 -10.13 7.85
C GLU B 114 4.25 -10.08 7.95
N MET B 115 3.75 -9.86 9.17
CA MET B 115 2.31 -9.81 9.37
C MET B 115 1.63 -8.67 8.62
N ASN B 116 2.42 -7.82 7.96
CA ASN B 116 1.87 -6.71 7.20
C ASN B 116 1.89 -6.99 5.69
N ASN B 117 2.13 -8.25 5.31
CA ASN B 117 2.17 -8.58 3.89
C ASN B 117 1.99 -10.05 3.52
N SER B 118 2.44 -10.96 4.38
CA SER B 118 2.33 -12.40 4.09
C SER B 118 1.13 -13.13 4.70
N ILE B 119 -0.06 -12.89 4.18
CA ILE B 119 -1.28 -13.54 4.68
C ILE B 119 -2.32 -13.68 3.56
N GLY B 120 -2.68 -14.91 3.21
CA GLY B 120 -3.69 -15.12 2.17
C GLY B 120 -3.23 -16.01 1.03
N LYS B 121 -3.46 -17.31 1.16
CA LYS B 121 -3.06 -18.28 0.13
C LYS B 121 -3.92 -18.19 -1.13
N PHE B 122 -4.03 -17.08 -1.69
N ASN C 23 -5.76 33.34 14.91
CA ASN C 23 -4.72 32.30 14.71
C ASN C 23 -4.04 32.45 13.34
N HIS C 24 -2.79 32.03 13.26
CA HIS C 24 -2.01 32.10 12.02
C HIS C 24 -2.09 30.78 11.23
N ILE C 25 -2.83 29.82 11.75
CA ILE C 25 -2.98 28.54 11.10
C ILE C 25 -4.39 28.37 10.57
N CYS C 26 -4.50 28.15 9.25
CA CYS C 26 -5.77 27.96 8.60
C CYS C 26 -6.33 26.58 8.99
N LEU C 27 -5.55 25.54 8.75
CA LEU C 27 -5.96 24.17 9.09
C LEU C 27 -4.86 23.38 9.78
N LYS C 28 -5.19 22.79 10.92
CA LYS C 28 -4.23 22.01 11.69
C LYS C 28 -4.46 20.56 11.39
N THR C 29 -3.38 19.84 11.14
CA THR C 29 -3.43 18.42 10.82
C THR C 29 -2.34 17.73 11.61
N PRO C 30 -2.48 16.43 11.85
CA PRO C 30 -1.38 15.83 12.61
C PRO C 30 -0.09 15.81 11.81
N PHE C 31 -0.20 15.84 10.48
CA PHE C 31 0.98 15.78 9.62
C PHE C 31 1.55 17.10 9.13
N LYS C 32 0.78 18.17 9.27
CA LYS C 32 1.28 19.46 8.80
C LYS C 32 0.25 20.52 9.09
N ASN C 33 0.71 21.76 9.14
CA ASN C 33 -0.18 22.87 9.36
C ASN C 33 -0.29 23.64 8.04
N PHE C 34 -1.49 24.09 7.72
CA PHE C 34 -1.73 24.91 6.53
C PHE C 34 -1.86 26.33 7.05
N TYR C 35 -0.80 27.12 6.90
CA TYR C 35 -0.78 28.48 7.41
C TYR C 35 -1.55 29.47 6.55
N VAL C 36 -1.97 30.58 7.16
CA VAL C 36 -2.70 31.62 6.43
C VAL C 36 -1.82 32.18 5.31
N ILE C 37 -2.48 32.65 4.27
CA ILE C 37 -1.83 33.18 3.08
C ILE C 37 -0.78 34.27 3.34
N GLU C 38 -0.97 35.06 4.40
CA GLU C 38 -0.04 36.14 4.73
C GLU C 38 1.36 35.69 5.16
N LEU C 39 1.52 34.42 5.49
CA LEU C 39 2.83 33.93 5.90
C LEU C 39 3.57 33.22 4.76
N PHE C 40 2.87 32.95 3.67
CA PHE C 40 3.48 32.28 2.52
C PHE C 40 4.79 32.91 2.11
N HIS C 41 4.87 34.23 2.10
CA HIS C 41 6.10 34.90 1.70
C HIS C 41 7.28 34.53 2.59
N GLN C 42 7.00 34.09 3.81
CA GLN C 42 8.09 33.73 4.70
C GLN C 42 8.48 32.25 4.64
N ALA C 43 7.86 31.50 3.73
CA ALA C 43 8.21 30.09 3.62
C ALA C 43 9.51 29.98 2.86
N PRO C 44 10.33 28.97 3.17
CA PRO C 44 11.60 28.81 2.47
C PRO C 44 11.48 28.44 1.00
N THR C 45 10.32 27.97 0.57
CA THR C 45 10.15 27.57 -0.82
C THR C 45 9.55 28.67 -1.68
N PHE C 46 8.97 29.68 -1.04
CA PHE C 46 8.34 30.72 -1.81
C PHE C 46 9.33 31.62 -2.53
N ASP C 47 8.94 32.07 -3.73
CA ASP C 47 9.76 32.94 -4.56
C ASP C 47 11.16 32.41 -4.81
N LYS C 48 11.27 31.10 -4.96
CA LYS C 48 12.56 30.49 -5.21
C LYS C 48 12.37 29.28 -6.09
N THR C 49 13.07 29.27 -7.23
CA THR C 49 12.97 28.17 -8.16
C THR C 49 13.51 26.90 -7.52
N ILE C 50 12.65 25.93 -7.28
CA ILE C 50 13.08 24.69 -6.66
C ILE C 50 12.79 23.50 -7.57
N PRO C 51 13.69 22.50 -7.60
CA PRO C 51 13.54 21.31 -8.43
C PRO C 51 12.51 20.34 -7.87
N LEU C 52 11.38 20.22 -8.55
CA LEU C 52 10.31 19.35 -8.10
C LEU C 52 10.03 18.19 -9.04
N PHE C 53 9.28 17.21 -8.53
CA PHE C 53 8.85 16.09 -9.36
C PHE C 53 7.50 16.57 -9.90
N ILE C 54 7.16 16.20 -11.12
CA ILE C 54 5.90 16.64 -11.68
C ILE C 54 4.71 16.09 -10.88
N SER C 55 4.81 14.84 -10.44
CA SER C 55 3.74 14.21 -9.66
C SER C 55 3.42 14.96 -8.37
N ASP C 56 4.44 15.50 -7.70
CA ASP C 56 4.21 16.23 -6.45
C ASP C 56 3.46 17.53 -6.72
N ILE C 57 3.64 18.08 -7.91
CA ILE C 57 2.94 19.30 -8.30
C ILE C 57 1.47 18.94 -8.62
N ASN C 58 1.27 17.93 -9.46
CA ASN C 58 -0.10 17.54 -9.82
C ASN C 58 -0.92 16.97 -8.67
N ASN C 59 -0.25 16.51 -7.62
CA ASN C 59 -0.94 15.95 -6.46
C ASN C 59 -1.17 16.96 -5.35
N SER C 60 -0.81 18.23 -5.59
CA SER C 60 -1.01 19.28 -4.59
C SER C 60 -2.51 19.46 -4.55
N PRO C 61 -3.05 19.76 -3.36
CA PRO C 61 -4.49 19.94 -3.12
C PRO C 61 -5.18 21.10 -3.82
N ASN C 62 -6.48 20.92 -4.06
CA ASN C 62 -7.30 21.97 -4.66
C ASN C 62 -7.40 22.98 -3.52
N LEU C 63 -6.77 24.14 -3.67
CA LEU C 63 -6.75 25.13 -2.62
C LEU C 63 -8.09 25.67 -2.14
N TYR C 64 -9.16 25.53 -2.93
CA TYR C 64 -10.45 25.98 -2.42
C TYR C 64 -10.85 25.05 -1.30
N GLY C 65 -10.39 23.80 -1.37
CA GLY C 65 -10.70 22.84 -0.34
C GLY C 65 -10.13 23.13 1.04
N ILE C 66 -9.10 23.98 1.08
CA ILE C 66 -8.46 24.31 2.33
C ILE C 66 -8.68 25.77 2.74
N TYR C 67 -8.45 26.69 1.80
CA TYR C 67 -8.58 28.12 2.09
C TYR C 67 -9.88 28.76 1.64
N ASN C 68 -10.79 27.97 1.10
CA ASN C 68 -12.07 28.51 0.65
C ASN C 68 -11.91 29.64 -0.38
N TYR C 69 -12.68 30.71 -0.23
CA TYR C 69 -12.61 31.80 -1.20
C TYR C 69 -11.26 32.46 -1.33
N ILE C 70 -10.41 32.31 -0.32
CA ILE C 70 -9.07 32.89 -0.36
C ILE C 70 -8.31 32.31 -1.56
N ALA C 71 -8.69 31.10 -1.98
CA ALA C 71 -8.02 30.45 -3.10
C ALA C 71 -8.03 31.28 -4.39
N ASP C 72 -8.91 32.28 -4.45
CA ASP C 72 -8.99 33.15 -5.62
C ASP C 72 -7.66 33.88 -5.79
N HIS C 73 -6.91 33.97 -4.71
CA HIS C 73 -5.63 34.67 -4.74
C HIS C 73 -4.46 33.71 -4.80
N LEU C 74 -4.75 32.42 -5.01
CA LEU C 74 -3.71 31.41 -5.03
C LEU C 74 -3.60 30.61 -6.34
N ARG C 75 -4.27 31.05 -7.40
CA ARG C 75 -4.20 30.31 -8.66
C ARG C 75 -2.76 30.12 -9.18
N HIS C 76 -1.83 30.94 -8.71
CA HIS C 76 -0.46 30.84 -9.16
C HIS C 76 0.41 30.12 -8.13
N VAL C 77 -0.24 29.52 -7.14
CA VAL C 77 0.49 28.83 -6.09
C VAL C 77 0.05 27.37 -5.89
N VAL C 78 1.02 26.51 -5.59
CA VAL C 78 0.73 25.12 -5.31
C VAL C 78 1.34 24.77 -3.96
N LEU C 79 0.66 23.93 -3.19
CA LEU C 79 1.19 23.51 -1.90
C LEU C 79 1.80 22.13 -2.07
N VAL C 80 3.13 22.08 -2.02
CA VAL C 80 3.84 20.81 -2.16
C VAL C 80 4.07 20.40 -0.74
N ASN C 81 3.33 19.37 -0.35
CA ASN C 81 3.28 18.87 1.00
C ASN C 81 2.62 20.00 1.77
N ASN C 82 3.49 20.82 2.36
CA ASN C 82 3.10 21.93 3.22
C ASN C 82 3.55 23.30 2.70
N TYR C 83 4.59 23.26 1.89
CA TYR C 83 5.23 24.47 1.38
C TYR C 83 4.58 25.12 0.18
N PRO C 84 4.32 26.44 0.26
CA PRO C 84 3.71 27.17 -0.85
C PRO C 84 4.79 27.34 -1.92
N VAL C 85 4.45 27.11 -3.18
CA VAL C 85 5.42 27.22 -4.28
C VAL C 85 4.86 27.97 -5.47
N ASN C 86 5.61 28.95 -5.96
CA ASN C 86 5.18 29.73 -7.10
C ASN C 86 6.25 29.80 -8.20
N GLN C 87 7.46 29.38 -7.88
CA GLN C 87 8.56 29.37 -8.85
C GLN C 87 9.01 27.91 -8.95
N ILE C 88 8.81 27.33 -10.13
CA ILE C 88 9.07 25.92 -10.34
C ILE C 88 10.09 25.50 -11.38
N ASN C 89 10.83 24.44 -11.04
CA ASN C 89 11.81 23.84 -11.93
C ASN C 89 11.45 22.36 -12.08
N ILE C 90 11.29 21.90 -13.32
CA ILE C 90 10.95 20.50 -13.59
C ILE C 90 11.75 19.97 -14.78
N PHE C 91 11.65 18.67 -15.04
CA PHE C 91 12.33 18.04 -16.16
C PHE C 91 11.49 16.84 -16.59
N GLY C 92 11.74 16.36 -17.81
CA GLY C 92 11.01 15.21 -18.32
C GLY C 92 11.14 15.09 -19.81
N LYS C 93 10.52 14.07 -20.37
CA LYS C 93 10.56 13.86 -21.81
C LYS C 93 9.36 14.58 -22.40
N ILE C 94 9.49 14.99 -23.66
CA ILE C 94 8.39 15.64 -24.34
C ILE C 94 7.54 14.48 -24.85
N VAL C 95 6.29 14.38 -24.40
CA VAL C 95 5.42 13.29 -24.85
C VAL C 95 4.31 13.80 -25.74
N TYR C 96 4.33 15.10 -26.00
CA TYR C 96 3.34 15.73 -26.87
C TYR C 96 3.68 17.17 -27.16
N GLU C 97 3.38 17.62 -28.37
CA GLU C 97 3.65 19.01 -28.74
C GLU C 97 2.61 19.52 -29.71
N GLN C 98 2.30 20.81 -29.61
CA GLN C 98 1.31 21.44 -30.47
C GLN C 98 1.82 22.84 -30.80
N TYR C 99 1.69 23.23 -32.07
CA TYR C 99 2.14 24.54 -32.52
C TYR C 99 0.94 25.43 -32.78
N LYS C 100 0.75 26.45 -31.96
CA LYS C 100 -0.37 27.36 -32.14
C LYS C 100 0.08 28.74 -32.60
N GLU C 101 -0.75 29.37 -33.42
CA GLU C 101 -0.45 30.69 -33.95
C GLU C 101 -1.71 31.51 -34.12
N LYS C 102 -2.02 32.35 -33.14
CA LYS C 102 -3.19 33.21 -33.22
C LYS C 102 -2.72 34.57 -33.75
N GLU C 103 -1.61 34.52 -34.47
CA GLU C 103 -0.97 35.69 -35.07
C GLU C 103 -1.89 36.40 -36.06
N PHE C 104 -1.79 37.72 -36.10
CA PHE C 104 -2.60 38.52 -37.02
C PHE C 104 -1.70 39.34 -37.94
N ASN C 105 -2.17 39.59 -39.15
CA ASN C 105 -1.43 40.35 -40.15
C ASN C 105 -0.75 41.57 -39.53
N GLY C 106 0.53 41.44 -39.19
CA GLY C 106 1.27 42.53 -38.59
C GLY C 106 2.11 42.10 -37.40
N VAL C 107 1.45 41.69 -36.33
CA VAL C 107 2.13 41.26 -35.12
C VAL C 107 1.75 39.82 -34.75
N GLU C 108 2.71 38.91 -34.91
CA GLU C 108 2.49 37.50 -34.60
C GLU C 108 2.28 37.28 -33.10
N GLU C 109 1.97 36.04 -32.76
CA GLU C 109 1.75 35.62 -31.39
C GLU C 109 1.67 34.10 -31.41
N SER C 110 2.62 33.51 -32.12
CA SER C 110 2.70 32.07 -32.26
C SER C 110 3.46 31.43 -31.09
N TYR C 111 2.78 30.55 -30.38
CA TYR C 111 3.39 29.88 -29.23
C TYR C 111 3.36 28.36 -29.33
N VAL C 112 4.12 27.71 -28.45
CA VAL C 112 4.21 26.26 -28.41
C VAL C 112 3.69 25.66 -27.10
N ILE C 113 2.86 24.62 -27.23
CA ILE C 113 2.33 23.91 -26.08
C ILE C 113 2.99 22.53 -26.04
N LEU C 114 3.54 22.17 -24.90
CA LEU C 114 4.15 20.86 -24.74
C LEU C 114 3.61 20.20 -23.47
N VAL C 115 3.69 18.87 -23.45
CA VAL C 115 3.31 18.12 -22.27
C VAL C 115 4.58 17.30 -22.04
N ILE C 116 5.19 17.45 -20.88
CA ILE C 116 6.38 16.67 -20.59
C ILE C 116 6.12 15.78 -19.40
N SER C 117 6.77 14.61 -19.37
CA SER C 117 6.55 13.68 -18.28
C SER C 117 7.81 13.25 -17.57
N ASP C 118 7.61 12.95 -16.29
CA ASP C 118 8.62 12.51 -15.33
C ASP C 118 8.66 11.00 -15.22
N PHE C 119 7.49 10.39 -15.39
CA PHE C 119 7.31 8.96 -15.32
C PHE C 119 7.33 8.33 -13.94
N ILE C 120 7.23 9.16 -12.90
CA ILE C 120 7.23 8.63 -11.55
C ILE C 120 6.09 9.24 -10.75
N GLY C 121 5.23 8.37 -10.22
CA GLY C 121 4.10 8.82 -9.43
C GLY C 121 2.81 8.96 -10.21
N ILE C 122 1.72 9.21 -9.49
CA ILE C 122 0.43 9.39 -10.14
C ILE C 122 0.42 10.77 -10.77
N ASP C 123 -0.01 10.83 -12.03
CA ASP C 123 -0.07 12.06 -12.80
C ASP C 123 1.29 12.74 -12.89
N SER C 124 2.19 12.11 -13.63
CA SER C 124 3.54 12.65 -13.81
C SER C 124 3.65 13.38 -15.15
N LYS C 125 2.53 13.92 -15.63
CA LYS C 125 2.50 14.70 -16.87
C LYS C 125 2.00 16.12 -16.59
N ILE C 126 2.54 17.11 -17.28
CA ILE C 126 2.06 18.48 -17.06
C ILE C 126 2.21 19.29 -18.36
N ARG C 127 1.23 20.16 -18.62
CA ARG C 127 1.26 20.98 -19.81
C ARG C 127 2.12 22.20 -19.56
N VAL C 128 2.84 22.58 -20.60
CA VAL C 128 3.79 23.66 -20.56
C VAL C 128 3.62 24.56 -21.79
N ARG C 129 3.86 25.84 -21.61
CA ARG C 129 3.72 26.80 -22.70
C ARG C 129 4.93 27.71 -22.81
N LEU C 130 5.38 27.92 -24.03
CA LEU C 130 6.53 28.78 -24.31
C LEU C 130 6.36 29.32 -25.74
N SER C 131 7.10 30.37 -26.08
CA SER C 131 6.99 30.96 -27.41
C SER C 131 7.79 30.13 -28.41
N GLN C 132 7.37 30.17 -29.68
CA GLN C 132 8.05 29.42 -30.73
C GLN C 132 9.52 29.80 -30.83
N GLU C 133 9.83 31.06 -30.52
CA GLU C 133 11.19 31.56 -30.53
C GLU C 133 12.01 30.88 -29.44
N GLN C 134 11.43 30.78 -28.24
CA GLN C 134 12.11 30.12 -27.14
C GLN C 134 12.38 28.68 -27.56
N PHE C 135 11.39 28.11 -28.23
CA PHE C 135 11.44 26.74 -28.72
C PHE C 135 12.56 26.55 -29.75
N LYS C 136 12.57 27.41 -30.75
CA LYS C 136 13.59 27.36 -31.81
C LYS C 136 14.98 27.59 -31.25
N GLU C 137 15.10 28.61 -30.41
CA GLU C 137 16.36 28.99 -29.80
C GLU C 137 17.16 27.87 -29.16
N VAL C 138 16.49 26.90 -28.55
CA VAL C 138 17.21 25.80 -27.91
C VAL C 138 17.50 24.62 -28.83
N GLY C 139 17.20 24.79 -30.11
CA GLY C 139 17.49 23.73 -31.08
C GLY C 139 16.35 22.78 -31.39
N LEU C 140 15.12 23.17 -31.05
CA LEU C 140 13.98 22.31 -31.32
C LEU C 140 13.29 22.72 -32.60
N THR C 141 13.14 21.77 -33.51
CA THR C 141 12.50 22.00 -34.79
C THR C 141 10.98 21.86 -34.72
N LEU C 142 10.28 22.72 -35.43
CA LEU C 142 8.82 22.69 -35.45
C LEU C 142 8.34 21.66 -36.46
N ASP C 143 8.59 20.39 -36.18
CA ASP C 143 8.19 19.33 -37.10
C ASP C 143 7.59 18.11 -36.40
N LYS C 144 7.09 18.30 -35.18
CA LYS C 144 6.48 17.22 -34.41
C LYS C 144 7.41 16.01 -34.23
N LYS C 145 8.72 16.22 -34.26
CA LYS C 145 9.65 15.10 -34.09
C LYS C 145 10.49 15.21 -32.81
N ASN C 146 9.95 15.86 -31.80
CA ASN C 146 10.69 16.01 -30.55
C ASN C 146 10.26 15.07 -29.45
N TYR C 147 9.39 14.11 -29.78
CA TYR C 147 8.95 13.13 -28.80
C TYR C 147 10.18 12.42 -28.23
N GLY C 148 10.23 12.25 -26.91
CA GLY C 148 11.34 11.57 -26.28
C GLY C 148 12.52 12.44 -25.83
N LYS C 149 12.60 13.63 -26.39
CA LYS C 149 13.67 14.56 -26.04
C LYS C 149 13.55 14.99 -24.59
N ILE C 150 14.68 15.03 -23.90
CA ILE C 150 14.71 15.40 -22.49
C ILE C 150 14.99 16.89 -22.30
N VAL C 151 14.13 17.56 -21.53
CA VAL C 151 14.31 18.98 -21.29
C VAL C 151 14.17 19.32 -19.80
N GLU C 152 14.66 20.49 -19.41
CA GLU C 152 14.58 20.96 -18.04
C GLU C 152 13.95 22.34 -18.14
N LEU C 153 12.94 22.61 -17.30
CA LEU C 153 12.25 23.88 -17.36
C LEU C 153 12.12 24.62 -16.04
N GLU C 154 11.93 25.92 -16.16
CA GLU C 154 11.72 26.79 -15.02
C GLU C 154 10.62 27.73 -15.48
N GLY C 155 9.74 28.12 -14.55
CA GLY C 155 8.68 29.02 -14.91
C GLY C 155 7.69 29.15 -13.78
N GLU C 156 6.61 29.89 -14.03
CA GLU C 156 5.56 30.09 -13.06
C GLU C 156 4.42 29.14 -13.44
N ILE C 157 3.51 28.90 -12.52
CA ILE C 157 2.43 27.98 -12.80
C ILE C 157 1.08 28.59 -12.57
N TYR C 158 0.10 28.17 -13.37
CA TYR C 158 -1.26 28.65 -13.19
C TYR C 158 -2.17 27.43 -12.92
N ASN C 159 -3.04 27.50 -11.92
CA ASN C 159 -3.90 26.38 -11.58
C ASN C 159 -5.39 26.70 -11.70
N TRP C 160 -6.14 25.87 -12.41
CA TRP C 160 -7.57 26.10 -12.57
C TRP C 160 -8.33 25.41 -11.44
N TYR C 161 -8.02 25.81 -10.21
CA TYR C 161 -8.66 25.24 -9.02
C TYR C 161 -10.17 25.42 -9.15
N ASP C 162 -10.92 24.36 -8.88
CA ASP C 162 -12.36 24.41 -8.97
C ASP C 162 -12.99 24.84 -7.64
N SER C 163 -13.70 25.97 -7.65
CA SER C 163 -14.34 26.48 -6.44
C SER C 163 -15.68 25.83 -6.12
N ILE C 164 -16.18 25.00 -7.03
CA ILE C 164 -17.45 24.32 -6.83
C ILE C 164 -17.25 22.85 -6.47
N ASN C 165 -16.30 22.19 -7.14
CA ASN C 165 -15.99 20.78 -6.86
C ASN C 165 -14.65 20.88 -6.13
N VAL C 166 -14.75 21.25 -4.86
CA VAL C 166 -13.62 21.48 -3.98
C VAL C 166 -12.55 20.40 -3.82
N SER C 167 -12.86 19.15 -4.14
CA SER C 167 -11.86 18.09 -4.01
C SER C 167 -11.29 17.61 -5.35
N LYS C 168 -11.79 18.19 -6.44
CA LYS C 168 -11.36 17.84 -7.79
C LYS C 168 -9.97 18.39 -8.16
N LYS C 169 -9.19 17.54 -8.81
CA LYS C 169 -7.84 17.89 -9.27
C LYS C 169 -7.95 18.99 -10.33
N PRO C 170 -7.09 20.01 -10.26
CA PRO C 170 -7.16 21.08 -11.27
C PRO C 170 -6.37 20.83 -12.53
N ASP C 171 -6.71 21.58 -13.57
CA ASP C 171 -5.99 21.52 -14.82
C ASP C 171 -4.85 22.50 -14.51
N ARG C 172 -3.66 22.26 -15.03
CA ARG C 172 -2.56 23.16 -14.74
C ARG C 172 -1.71 23.45 -15.97
N GLU C 173 -0.98 24.56 -15.92
CA GLU C 173 -0.10 24.90 -17.02
C GLU C 173 1.07 25.73 -16.54
N LEU C 174 2.26 25.32 -16.96
CA LEU C 174 3.48 26.00 -16.61
C LEU C 174 3.85 27.02 -17.69
N LYS C 175 4.04 28.29 -17.29
CA LYS C 175 4.45 29.34 -18.23
C LYS C 175 5.97 29.32 -18.18
N VAL C 176 6.60 28.80 -19.22
CA VAL C 176 8.06 28.68 -19.26
C VAL C 176 8.85 29.98 -19.39
N SER C 177 9.82 30.17 -18.49
CA SER C 177 10.65 31.36 -18.53
C SER C 177 12.05 30.93 -18.94
N LYS C 178 12.31 29.63 -18.83
CA LYS C 178 13.61 29.10 -19.21
C LYS C 178 13.53 27.63 -19.58
N ILE C 179 14.13 27.26 -20.71
CA ILE C 179 14.15 25.88 -21.17
C ILE C 179 15.55 25.48 -21.61
N THR C 180 15.92 24.25 -21.31
CA THR C 180 17.23 23.73 -21.67
C THR C 180 17.01 22.31 -22.18
N VAL C 181 17.71 21.94 -23.25
CA VAL C 181 17.59 20.60 -23.77
C VAL C 181 18.71 19.76 -23.17
N LEU C 182 18.38 18.88 -22.24
CA LEU C 182 19.39 18.04 -21.61
C LEU C 182 19.88 16.95 -22.56
N SER C 183 19.09 16.66 -23.59
CA SER C 183 19.44 15.65 -24.56
C SER C 183 18.45 15.62 -25.73
N HIS C 184 18.99 15.77 -26.94
CA HIS C 184 18.18 15.75 -28.15
C HIS C 184 17.97 14.31 -28.57
N ARG C 185 18.66 13.40 -27.88
CA ARG C 185 18.53 11.98 -28.15
C ARG C 185 17.71 11.37 -27.03
N PRO C 186 16.60 10.71 -27.37
CA PRO C 186 15.73 10.07 -26.38
C PRO C 186 16.48 9.13 -25.45
N ASP C 187 17.48 8.45 -25.99
CA ASP C 187 18.27 7.49 -25.21
C ASP C 187 19.20 8.07 -24.13
N GLY C 188 19.05 9.35 -23.79
CA GLY C 188 19.90 9.95 -22.78
C GLY C 188 19.46 9.59 -21.36
N LEU C 189 19.35 8.30 -21.09
CA LEU C 189 18.91 7.82 -19.79
C LEU C 189 19.76 8.26 -18.60
N HIS C 190 21.05 8.52 -18.81
CA HIS C 190 21.90 8.93 -17.70
C HIS C 190 21.57 10.33 -17.19
N PHE C 191 21.13 11.20 -18.09
CA PHE C 191 20.75 12.54 -17.67
C PHE C 191 19.51 12.43 -16.77
N GLU C 192 18.60 11.53 -17.14
CA GLU C 192 17.39 11.34 -16.37
C GLU C 192 17.68 10.88 -14.96
N PHE C 193 18.69 10.02 -14.80
CA PHE C 193 19.05 9.55 -13.47
C PHE C 193 19.65 10.66 -12.61
N GLU C 194 20.36 11.59 -13.24
CA GLU C 194 20.94 12.70 -12.49
C GLU C 194 19.78 13.55 -12.02
N GLN C 195 18.84 13.80 -12.94
CA GLN C 195 17.67 14.61 -12.65
C GLN C 195 16.84 14.03 -11.52
N TRP C 196 16.56 12.74 -11.60
CA TRP C 196 15.77 12.07 -10.58
C TRP C 196 16.45 12.12 -9.20
N LYS C 197 17.76 11.89 -9.17
CA LYS C 197 18.54 11.92 -7.92
C LYS C 197 18.47 13.30 -7.28
N LYS C 198 18.84 14.30 -8.05
CA LYS C 198 18.84 15.69 -7.61
C LYS C 198 17.50 16.09 -6.97
N ARG C 199 16.40 15.66 -7.59
CA ARG C 199 15.07 15.98 -7.06
C ARG C 199 14.68 15.09 -5.88
N MET C 200 15.16 13.85 -5.85
CA MET C 200 14.86 12.97 -4.73
C MET C 200 15.56 13.56 -3.51
N GLU C 201 16.78 14.04 -3.69
CA GLU C 201 17.54 14.63 -2.61
C GLU C 201 16.93 15.93 -2.13
N PHE C 202 16.49 16.77 -3.05
CA PHE C 202 15.86 18.00 -2.63
C PHE C 202 14.60 17.69 -1.82
N ARG C 203 13.82 16.71 -2.29
CA ARG C 203 12.58 16.32 -1.64
C ARG C 203 12.85 15.87 -0.20
N LYS C 204 13.79 14.95 -0.03
CA LYS C 204 14.14 14.45 1.29
C LYS C 204 14.66 15.52 2.26
N ASN C 205 15.57 16.36 1.79
CA ASN C 205 16.14 17.41 2.65
C ASN C 205 15.29 18.66 2.80
N ASN C 206 14.21 18.78 2.03
CA ASN C 206 13.42 20.00 2.10
C ASN C 206 11.92 19.93 2.15
N LEU C 207 11.33 18.92 1.53
CA LEU C 207 9.88 18.86 1.50
C LEU C 207 9.20 17.78 2.32
N VAL C 208 9.92 16.72 2.65
CA VAL C 208 9.30 15.64 3.41
C VAL C 208 8.89 16.07 4.81
N GLU C 209 9.73 16.85 5.48
CA GLU C 209 9.37 17.32 6.81
C GLU C 209 8.53 18.58 6.59
N PRO C 210 7.35 18.65 7.21
CA PRO C 210 6.49 19.81 7.05
C PRO C 210 7.18 21.14 7.36
N TRP C 211 6.64 22.21 6.77
CA TRP C 211 7.15 23.54 7.00
C TRP C 211 6.53 23.95 8.32
N VAL C 212 7.34 24.49 9.23
CA VAL C 212 6.81 24.96 10.51
C VAL C 212 7.26 26.40 10.66
N PHE C 213 6.31 27.31 10.69
CA PHE C 213 6.60 28.73 10.81
C PHE C 213 7.04 29.05 12.22
N ILE C 214 8.07 29.88 12.33
CA ILE C 214 8.58 30.31 13.62
C ILE C 214 8.27 31.79 13.78
N PRO C 215 7.15 32.11 14.22
N SER D 1 -0.90 7.47 -13.10
CA SER D 1 -0.11 6.50 -12.28
C SER D 1 1.08 5.89 -13.03
N SER D 2 2.29 6.38 -12.74
CA SER D 2 3.48 5.87 -13.42
C SER D 2 4.59 5.35 -12.51
N LYS D 3 5.36 4.40 -13.06
CA LYS D 3 6.48 3.77 -12.37
C LYS D 3 7.53 3.32 -13.36
N ILE D 4 8.75 3.16 -12.87
CA ILE D 4 9.85 2.68 -13.68
C ILE D 4 9.90 1.22 -13.29
N ILE D 5 9.73 0.33 -14.26
CA ILE D 5 9.71 -1.08 -13.95
C ILE D 5 10.92 -1.88 -14.43
N LEU D 6 11.52 -2.62 -13.50
CA LEU D 6 12.71 -3.44 -13.78
C LEU D 6 12.38 -4.93 -13.95
N ILE D 7 11.25 -5.35 -13.39
CA ILE D 7 10.82 -6.73 -13.48
C ILE D 7 9.50 -6.79 -14.23
N PRO D 8 9.55 -6.84 -15.57
CA PRO D 8 8.34 -6.88 -16.39
C PRO D 8 7.30 -7.92 -16.00
N SER D 9 7.73 -9.03 -15.43
CA SER D 9 6.78 -10.07 -15.03
C SER D 9 5.99 -9.66 -13.80
N ASN D 10 6.41 -8.59 -13.14
CA ASN D 10 5.70 -8.11 -11.95
C ASN D 10 4.80 -6.92 -12.29
N ILE D 11 4.64 -6.61 -13.58
CA ILE D 11 3.83 -5.46 -13.99
C ILE D 11 2.40 -5.47 -13.46
N PRO D 12 1.66 -6.57 -13.64
CA PRO D 12 0.27 -6.62 -13.14
C PRO D 12 0.17 -6.57 -11.63
N GLN D 13 1.31 -6.73 -10.97
CA GLN D 13 1.40 -6.71 -9.51
C GLN D 13 1.59 -5.26 -9.04
N GLU D 14 2.39 -4.51 -9.79
CA GLU D 14 2.69 -3.11 -9.50
C GLU D 14 1.55 -2.16 -9.92
N PHE D 15 0.58 -2.66 -10.69
CA PHE D 15 -0.55 -1.84 -11.12
C PHE D 15 -1.85 -2.64 -11.00
N PRO D 16 -2.18 -3.08 -9.78
CA PRO D 16 -3.41 -3.85 -9.54
C PRO D 16 -4.70 -3.16 -9.93
N GLU D 17 -4.65 -1.84 -10.12
CA GLU D 17 -5.85 -1.08 -10.48
C GLU D 17 -6.00 -0.77 -11.96
N ALA D 18 -5.04 -1.21 -12.77
CA ALA D 18 -5.08 -0.96 -14.21
C ALA D 18 -6.32 -1.55 -14.86
N SER D 19 -6.89 -0.82 -15.81
CA SER D 19 -8.07 -1.24 -16.53
C SER D 19 -8.23 -0.38 -17.78
N ILE D 20 -9.20 -0.71 -18.63
CA ILE D 20 -9.40 0.08 -19.83
C ILE D 20 -9.95 1.46 -19.46
N SER D 21 -10.49 1.60 -18.25
CA SER D 21 -11.00 2.90 -17.80
C SER D 21 -9.88 3.67 -17.09
N ASN D 22 -8.92 2.92 -16.56
CA ASN D 22 -7.81 3.52 -15.83
C ASN D 22 -6.48 2.94 -16.25
N PRO D 23 -6.05 3.22 -17.49
CA PRO D 23 -4.77 2.71 -17.97
C PRO D 23 -3.63 3.37 -17.19
N GLU D 24 -2.60 2.62 -16.87
CA GLU D 24 -1.47 3.16 -16.12
C GLU D 24 -0.28 3.31 -17.05
N ARG D 25 0.59 4.27 -16.75
CA ARG D 25 1.75 4.52 -17.59
C ARG D 25 2.99 3.97 -16.92
N LEU D 26 4.00 3.63 -17.72
CA LEU D 26 5.21 3.09 -17.14
C LEU D 26 6.39 3.05 -18.09
N ARG D 27 7.55 2.86 -17.51
CA ARG D 27 8.75 2.72 -18.31
C ARG D 27 9.38 1.41 -17.89
N ILE D 28 9.69 0.57 -18.87
CA ILE D 28 10.31 -0.72 -18.64
C ILE D 28 11.76 -0.65 -19.05
N LEU D 29 12.63 -1.10 -18.16
CA LEU D 29 14.06 -1.14 -18.41
C LEU D 29 14.34 -2.63 -18.39
N ALA D 30 14.57 -3.21 -19.56
CA ALA D 30 14.82 -4.63 -19.65
C ALA D 30 15.74 -5.04 -20.80
N GLN D 31 15.93 -6.34 -20.94
CA GLN D 31 16.77 -6.89 -21.99
C GLN D 31 15.92 -7.71 -22.94
N VAL D 32 16.18 -7.55 -24.23
CA VAL D 32 15.46 -8.28 -25.26
C VAL D 32 15.92 -9.73 -25.33
N LYS D 33 14.97 -10.66 -25.36
CA LYS D 33 15.31 -12.07 -25.44
C LYS D 33 15.04 -12.65 -26.81
N ASP D 34 14.05 -12.12 -27.51
CA ASP D 34 13.74 -12.65 -28.84
C ASP D 34 12.71 -11.81 -29.58
N PHE D 35 12.77 -11.87 -30.92
CA PHE D 35 11.81 -11.17 -31.74
C PHE D 35 11.12 -12.18 -32.64
N ILE D 36 9.80 -12.17 -32.62
CA ILE D 36 9.00 -13.06 -33.42
C ILE D 36 8.41 -12.24 -34.56
N PRO D 37 9.15 -12.16 -35.68
CA PRO D 37 8.81 -11.42 -36.91
C PRO D 37 7.36 -11.33 -37.33
N HIS D 38 6.71 -12.47 -37.59
CA HIS D 38 5.32 -12.41 -38.02
C HIS D 38 4.39 -11.85 -36.94
N GLU D 39 4.45 -12.44 -35.75
CA GLU D 39 3.61 -11.99 -34.64
C GLU D 39 3.85 -10.54 -34.24
N SER D 40 4.93 -9.93 -34.77
CA SER D 40 5.27 -8.56 -34.42
C SER D 40 5.39 -8.49 -32.90
N THR D 41 5.91 -9.56 -32.31
CA THR D 41 6.03 -9.64 -30.86
C THR D 41 7.47 -9.69 -30.39
N ILE D 42 7.74 -9.02 -29.27
CA ILE D 42 9.07 -9.00 -28.72
C ILE D 42 9.04 -9.68 -27.36
N VAL D 43 10.16 -10.28 -26.97
CA VAL D 43 10.26 -10.98 -25.70
C VAL D 43 11.33 -10.28 -24.87
N ILE D 44 10.99 -9.96 -23.63
CA ILE D 44 11.93 -9.27 -22.74
C ILE D 44 11.90 -9.84 -21.34
N ASP D 45 12.87 -9.43 -20.54
CA ASP D 45 12.95 -9.86 -19.16
C ASP D 45 13.86 -8.88 -18.45
N LYS D 46 13.88 -8.95 -17.12
CA LYS D 46 14.71 -8.06 -16.31
C LYS D 46 16.14 -8.08 -16.82
N VAL D 47 16.84 -6.97 -16.64
CA VAL D 47 18.22 -6.86 -17.06
C VAL D 47 19.05 -7.84 -16.21
N PRO D 48 20.08 -8.46 -16.80
CA PRO D 48 20.93 -9.42 -16.08
C PRO D 48 21.55 -8.82 -14.80
N THR D 49 22.27 -7.72 -14.97
CA THR D 49 22.92 -7.03 -13.86
C THR D 49 21.99 -6.96 -12.67
N ILE D 50 20.75 -6.54 -12.92
CA ILE D 50 19.74 -6.43 -11.86
C ILE D 50 19.71 -7.74 -11.08
N THR D 51 19.29 -7.66 -9.82
CA THR D 51 19.22 -8.83 -8.97
C THR D 51 18.31 -9.90 -9.56
N SER D 52 17.77 -10.76 -8.69
CA SER D 52 16.89 -11.82 -9.14
C SER D 52 15.69 -11.97 -8.20
N GLU D 53 14.61 -12.54 -8.74
CA GLU D 53 13.40 -12.74 -7.96
C GLU D 53 12.63 -13.94 -8.50
N GLN D 54 12.16 -13.82 -9.73
CA GLN D 54 11.39 -14.89 -10.37
C GLN D 54 10.89 -14.41 -11.72
N SER D 55 11.65 -13.51 -12.35
CA SER D 55 11.26 -12.99 -13.65
C SER D 55 10.81 -14.07 -14.61
N THR D 56 9.80 -13.77 -15.41
CA THR D 56 9.25 -14.71 -16.38
C THR D 56 9.08 -14.01 -17.71
N TYR D 57 9.90 -14.37 -18.69
CA TYR D 57 9.84 -13.79 -20.03
C TYR D 57 8.46 -13.24 -20.36
N ILE D 58 8.40 -11.98 -20.78
CA ILE D 58 7.15 -11.35 -21.14
C ILE D 58 7.12 -11.03 -22.63
N ASN D 59 6.01 -11.33 -23.27
CA ASN D 59 5.83 -11.05 -24.70
C ASN D 59 5.06 -9.75 -24.85
N ILE D 60 5.47 -8.92 -25.80
CA ILE D 60 4.80 -7.65 -26.03
C ILE D 60 4.61 -7.39 -27.52
N CYS D 61 3.40 -7.03 -27.91
CA CYS D 61 3.13 -6.72 -29.31
C CYS D 61 3.81 -5.39 -29.62
N ILE D 62 4.56 -5.35 -30.72
CA ILE D 62 5.30 -4.16 -31.15
C ILE D 62 4.90 -3.71 -32.54
N PHE D 63 3.80 -4.25 -33.05
CA PHE D 63 3.33 -3.88 -34.39
C PHE D 63 3.42 -2.37 -34.68
N ASN D 64 2.97 -1.54 -33.75
CA ASN D 64 2.99 -0.10 -33.96
C ASN D 64 4.38 0.55 -33.98
N LEU D 65 5.36 -0.08 -33.34
CA LEU D 65 6.69 0.50 -33.30
C LEU D 65 7.63 0.07 -34.42
N LEU D 66 7.25 -0.98 -35.16
CA LEU D 66 8.09 -1.51 -36.23
C LEU D 66 8.55 -0.57 -37.34
N GLU D 67 7.66 0.26 -37.87
CA GLU D 67 8.02 1.17 -38.95
C GLU D 67 9.02 2.28 -38.64
N ALA D 68 9.31 2.51 -37.35
CA ALA D 68 10.26 3.56 -36.97
C ALA D 68 11.32 3.04 -36.01
N CYS D 69 11.18 1.77 -35.67
CA CYS D 69 12.09 1.07 -34.76
C CYS D 69 13.53 1.00 -35.29
N SER D 70 14.45 0.67 -34.40
CA SER D 70 15.87 0.50 -34.74
C SER D 70 16.16 -1.00 -34.66
N SER D 71 16.66 -1.59 -35.75
CA SER D 71 16.96 -3.02 -35.80
C SER D 71 17.67 -3.53 -34.55
N ARG D 72 18.45 -2.68 -33.91
CA ARG D 72 19.19 -3.05 -32.70
C ARG D 72 18.28 -3.41 -31.54
N VAL D 73 17.10 -2.81 -31.53
CA VAL D 73 16.13 -3.04 -30.48
C VAL D 73 15.43 -4.39 -30.62
N LEU D 74 15.49 -4.97 -31.82
CA LEU D 74 14.84 -6.25 -32.07
C LEU D 74 15.81 -7.41 -31.92
N VAL D 75 17.07 -7.11 -31.56
CA VAL D 75 18.08 -8.14 -31.39
C VAL D 75 18.24 -8.62 -29.95
N PRO D 76 18.21 -9.94 -29.74
CA PRO D 76 18.34 -10.50 -28.39
C PRO D 76 19.65 -10.05 -27.71
N GLY D 77 19.55 -9.77 -26.42
CA GLY D 77 20.71 -9.31 -25.66
C GLY D 77 20.69 -7.80 -25.48
N THR D 78 20.04 -7.09 -26.39
CA THR D 78 19.97 -5.64 -26.34
C THR D 78 19.21 -5.14 -25.11
N LEU D 79 19.73 -4.09 -24.47
CA LEU D 79 19.10 -3.48 -23.31
C LEU D 79 18.30 -2.29 -23.84
N VAL D 80 17.03 -2.24 -23.51
CA VAL D 80 16.19 -1.16 -24.00
C VAL D 80 15.29 -0.50 -22.96
N ASN D 81 14.78 0.66 -23.34
CA ASN D 81 13.85 1.39 -22.52
C ASN D 81 12.55 1.31 -23.30
N ILE D 82 11.48 0.89 -22.62
CA ILE D 82 10.18 0.82 -23.26
C ILE D 82 9.18 1.73 -22.53
N ASP D 83 8.63 2.70 -23.26
CA ASP D 83 7.63 3.58 -22.68
C ASP D 83 6.31 2.90 -23.01
N ALA D 84 5.39 2.84 -22.06
CA ALA D 84 4.13 2.17 -22.33
C ALA D 84 3.02 2.48 -21.36
N PHE D 85 1.85 1.92 -21.66
CA PHE D 85 0.70 2.04 -20.77
C PHE D 85 0.17 0.63 -20.61
N TYR D 86 -0.36 0.33 -19.43
CA TYR D 86 -0.88 -1.00 -19.12
C TYR D 86 -2.35 -0.86 -18.71
N ASP D 87 -3.24 -1.50 -19.46
CA ASP D 87 -4.66 -1.43 -19.21
C ASP D 87 -5.23 -2.64 -18.47
N GLY D 88 -4.36 -3.36 -17.76
CA GLY D 88 -4.81 -4.54 -17.03
C GLY D 88 -4.93 -5.78 -17.90
N GLU D 89 -4.94 -5.59 -19.22
CA GLU D 89 -5.05 -6.69 -20.15
C GLU D 89 -3.75 -6.95 -20.88
N SER D 90 -3.10 -5.88 -21.29
CA SER D 90 -1.86 -6.01 -22.01
C SER D 90 -0.96 -4.79 -21.84
N ILE D 91 0.32 -4.98 -22.13
CA ILE D 91 1.29 -3.91 -22.06
C ILE D 91 1.28 -3.33 -23.46
N ASN D 92 1.22 -2.01 -23.57
CA ASN D 92 1.18 -1.36 -24.88
C ASN D 92 2.29 -0.31 -24.96
N PRO D 93 3.37 -0.64 -25.69
CA PRO D 93 4.53 0.26 -25.86
C PRO D 93 4.28 1.36 -26.85
N VAL D 94 4.76 2.55 -26.53
CA VAL D 94 4.59 3.70 -27.41
C VAL D 94 5.96 4.20 -27.87
N ASP D 95 7.00 3.62 -27.31
CA ASP D 95 8.37 4.00 -27.69
C ASP D 95 9.38 3.00 -27.15
N ILE D 96 10.43 2.75 -27.93
CA ILE D 96 11.48 1.81 -27.53
C ILE D 96 12.83 2.19 -28.14
N TYR D 97 13.89 2.01 -27.35
CA TYR D 97 15.24 2.34 -27.81
C TYR D 97 16.29 1.69 -26.93
N GLU D 98 17.51 1.58 -27.46
CA GLU D 98 18.60 0.98 -26.71
C GLU D 98 19.13 1.92 -25.64
N VAL D 99 19.47 1.35 -24.49
CA VAL D 99 19.99 2.10 -23.36
C VAL D 99 21.36 1.62 -22.93
N ASN D 100 22.23 2.55 -22.58
CA ASN D 100 23.60 2.23 -22.15
C ASN D 100 23.55 1.46 -20.82
N GLY D 101 24.21 0.31 -20.78
CA GLY D 101 24.24 -0.52 -19.59
C GLY D 101 24.91 0.06 -18.35
N ALA D 102 25.56 1.20 -18.49
CA ALA D 102 26.23 1.85 -17.36
C ALA D 102 25.24 2.39 -16.33
N ASN D 103 24.02 2.63 -16.79
CA ASN D 103 22.96 3.16 -15.94
C ASN D 103 22.41 2.18 -14.92
N PHE D 104 22.65 0.89 -15.12
CA PHE D 104 22.14 -0.11 -14.21
C PHE D 104 23.00 -0.38 -12.98
N THR D 105 23.32 0.67 -12.23
CA THR D 105 24.11 0.56 -11.01
C THR D 105 23.17 0.16 -9.90
N MET D 106 23.71 -0.36 -8.80
CA MET D 106 22.85 -0.77 -7.69
C MET D 106 22.20 0.45 -7.04
N GLU D 107 22.87 1.60 -7.17
CA GLU D 107 22.36 2.84 -6.61
C GLU D 107 21.06 3.26 -7.31
N ASN D 108 21.13 3.37 -8.63
CA ASN D 108 19.97 3.74 -9.41
C ASN D 108 18.83 2.76 -9.18
N ILE D 109 19.15 1.47 -9.06
CA ILE D 109 18.14 0.44 -8.82
C ILE D 109 17.38 0.78 -7.54
N GLN D 110 18.11 1.18 -6.50
CA GLN D 110 17.52 1.54 -5.23
C GLN D 110 16.71 2.84 -5.38
N LEU D 111 17.23 3.76 -6.18
CA LEU D 111 16.56 5.03 -6.42
C LEU D 111 15.18 4.78 -7.03
N ILE D 112 15.14 3.88 -8.01
CA ILE D 112 13.92 3.55 -8.69
C ILE D 112 12.89 3.01 -7.69
N ASP D 113 13.30 2.02 -6.92
CA ASP D 113 12.44 1.44 -5.92
C ASP D 113 11.92 2.51 -4.96
N GLU D 114 12.81 3.35 -4.50
CA GLU D 114 12.44 4.41 -3.57
C GLU D 114 11.44 5.39 -4.18
N MET D 115 11.69 5.81 -5.41
CA MET D 115 10.79 6.74 -6.08
C MET D 115 9.41 6.13 -6.32
N ASN D 116 9.38 4.87 -6.74
CA ASN D 116 8.10 4.21 -6.99
C ASN D 116 7.22 4.17 -5.73
N ASN D 117 7.85 4.27 -4.56
CA ASN D 117 7.11 4.22 -3.30
C ASN D 117 6.99 5.53 -2.51
N SER D 118 7.13 6.67 -3.16
CA SER D 118 7.01 7.90 -2.39
C SER D 118 6.50 9.11 -3.16
N ILE D 119 7.01 9.32 -4.37
CA ILE D 119 6.62 10.48 -5.18
C ILE D 119 5.11 10.63 -5.37
N GLY D 120 4.63 11.85 -5.17
CA GLY D 120 3.21 12.11 -5.35
C GLY D 120 2.31 11.70 -4.21
N LYS D 121 2.88 11.33 -3.07
CA LYS D 121 2.05 10.89 -1.97
C LYS D 121 1.88 11.83 -0.77
N PHE D 122 2.16 13.12 -0.95
CA PHE D 122 1.99 14.08 0.14
C PHE D 122 0.51 14.31 0.44
N ASN D 123 0.19 14.45 1.73
CA ASN D 123 -1.18 14.71 2.17
C ASN D 123 -2.18 13.66 1.65
#